data_5SVP
#
_entry.id   5SVP
#
_cell.length_a   172.930
_cell.length_b   172.930
_cell.length_c   172.930
_cell.angle_alpha   90.00
_cell.angle_beta   90.00
_cell.angle_gamma   90.00
#
_symmetry.space_group_name_H-M   'P 21 3'
#
loop_
_entity.id
_entity.type
_entity.pdbx_description
1 polymer 'P2X purinoceptor 3'
2 non-polymer 2-acetamido-2-deoxy-beta-D-glucopyranose
3 non-polymer "2-(methylsulfanyl)adenosine 5'-(tetrahydrogen triphosphate)"
4 non-polymer 'SODIUM ION'
5 non-polymer 2-AMINO-2-HYDROXYMETHYL-PROPANE-1,3-DIOL
6 non-polymer 1,2-ETHANEDIOL
7 non-polymer "ADENOSINE-5'-TRIPHOSPHATE"
#
_entity_poly.entity_id   1
_entity_poly.type   'polypeptide(L)'
_entity_poly.pdbx_seq_one_letter_code
;GSRADFFTYETTKSVVVKSWTIGIINRVVQLLIISYFVGWVFLHEKAYQVRDTAIESSVVTKVKGSGLYANRVMDVSDYV
TPPQGTSVFVIITKMIVTENQMQGFCPESEEKYRCVSDSQCGPERLPGGGILTGRCVNYSSVLRTCEIQGWCPTEVDTVE
TPIMMEAENFTIFIKNSIRFPLFNFEKGNLLPNLTARDMKTCRFHPDKDPFCPILRVGDVVKFAGQDFAKLARTGGVLGI
KIGWVCDLDKAWDQCIPKYSFTRLDSVSEKSSVSPGYNFRFAKYYKMENGSEYRTLLKAFGIRFDVLVYGNAGKFNIIPT
IISSVAAFTSVGVGTVLCDIILLNFLKGADQYKAKKFEEVNET
;
_entity_poly.pdbx_strand_id   A,B
#
loop_
_chem_comp.id
_chem_comp.type
_chem_comp.name
_chem_comp.formula
6AT non-polymer '2-(methylsulfanyl)adenosine 5'-(tetrahydrogen triphosphate)' 'C11 H18 N5 O13 P3 S'
ATP non-polymer ADENOSINE-5'-TRIPHOSPHATE 'C10 H16 N5 O13 P3'
EDO non-polymer 1,2-ETHANEDIOL 'C2 H6 O2'
NA non-polymer 'SODIUM ION' 'Na 1'
NAG D-saccharide, beta linking 2-acetamido-2-deoxy-beta-D-glucopyranose 'C8 H15 N O6'
TRS non-polymer 2-AMINO-2-HYDROXYMETHYL-PROPANE-1,3-DIOL 'C4 H12 N O3 1'
#
# COMPACT_ATOMS: atom_id res chain seq x y z
N GLY A 23 -23.79 -64.53 -3.06
CA GLY A 23 -23.94 -64.80 -1.63
C GLY A 23 -23.20 -63.81 -0.77
N ILE A 24 -21.99 -63.44 -1.19
CA ILE A 24 -21.23 -62.44 -0.46
C ILE A 24 -21.80 -61.05 -0.68
N ILE A 25 -22.45 -60.83 -1.82
CA ILE A 25 -23.06 -59.53 -2.08
C ILE A 25 -24.17 -59.23 -1.10
N ASN A 26 -24.75 -60.26 -0.46
CA ASN A 26 -25.70 -60.02 0.62
C ASN A 26 -25.02 -59.30 1.79
N ARG A 27 -23.86 -59.81 2.21
CA ARG A 27 -23.11 -59.16 3.28
C ARG A 27 -22.57 -57.80 2.85
N VAL A 28 -22.22 -57.65 1.57
CA VAL A 28 -21.77 -56.36 1.07
C VAL A 28 -22.90 -55.34 1.16
N VAL A 29 -24.08 -55.71 0.67
CA VAL A 29 -25.24 -54.82 0.74
C VAL A 29 -25.58 -54.53 2.20
N GLN A 30 -25.39 -55.50 3.08
CA GLN A 30 -25.60 -55.25 4.51
C GLN A 30 -24.63 -54.21 5.04
N LEU A 31 -23.37 -54.27 4.60
CA LEU A 31 -22.39 -53.28 5.06
C LEU A 31 -22.67 -51.89 4.49
N LEU A 32 -23.13 -51.84 3.24
CA LEU A 32 -23.46 -50.54 2.64
C LEU A 32 -24.70 -49.93 3.27
N ILE A 33 -25.70 -50.75 3.58
CA ILE A 33 -26.90 -50.26 4.27
C ILE A 33 -26.56 -49.80 5.67
N ILE A 34 -25.82 -50.63 6.42
CA ILE A 34 -25.48 -50.29 7.80
C ILE A 34 -24.61 -49.03 7.83
N SER A 35 -23.64 -48.93 6.92
CA SER A 35 -22.76 -47.77 6.90
C SER A 35 -23.50 -46.52 6.47
N TYR A 36 -24.33 -46.62 5.44
CA TYR A 36 -25.07 -45.44 4.97
C TYR A 36 -26.06 -44.96 6.02
N PHE A 37 -26.95 -45.84 6.46
CA PHE A 37 -28.03 -45.42 7.35
C PHE A 37 -27.54 -45.13 8.76
N VAL A 38 -26.50 -45.85 9.21
CA VAL A 38 -25.93 -45.62 10.54
C VAL A 38 -24.68 -44.77 10.50
N GLY A 39 -24.08 -44.57 9.33
CA GLY A 39 -22.88 -43.77 9.21
C GLY A 39 -23.17 -42.37 8.70
N TRP A 40 -23.39 -42.25 7.38
CA TRP A 40 -23.64 -40.95 6.80
C TRP A 40 -24.96 -40.35 7.28
N VAL A 41 -26.04 -41.14 7.20
CA VAL A 41 -27.36 -40.60 7.51
C VAL A 41 -27.50 -40.31 9.00
N PHE A 42 -27.00 -41.21 9.85
CA PHE A 42 -27.18 -41.04 11.29
C PHE A 42 -26.08 -40.20 11.92
N LEU A 43 -24.82 -40.40 11.53
CA LEU A 43 -23.70 -39.74 12.19
C LEU A 43 -23.30 -38.45 11.46
N HIS A 44 -22.84 -38.57 10.22
CA HIS A 44 -22.37 -37.38 9.51
C HIS A 44 -23.47 -36.33 9.37
N GLU A 45 -24.72 -36.77 9.19
CA GLU A 45 -25.84 -35.85 9.05
C GLU A 45 -26.46 -35.48 10.39
N LYS A 46 -25.85 -35.91 11.49
CA LYS A 46 -26.28 -35.53 12.84
C LYS A 46 -27.79 -35.68 13.01
N ALA A 47 -28.30 -36.85 12.61
CA ALA A 47 -29.73 -37.13 12.79
C ALA A 47 -30.11 -37.16 14.26
N TYR A 48 -29.16 -37.47 15.14
CA TYR A 48 -29.38 -37.47 16.58
C TYR A 48 -29.60 -36.07 17.15
N GLN A 49 -29.49 -35.04 16.33
CA GLN A 49 -29.49 -33.65 16.78
C GLN A 49 -30.80 -32.96 16.42
N VAL A 50 -31.27 -32.10 17.32
CA VAL A 50 -32.33 -31.14 17.01
C VAL A 50 -31.67 -29.89 16.42
N ARG A 51 -32.26 -29.35 15.36
CA ARG A 51 -31.69 -28.24 14.62
C ARG A 51 -32.56 -26.99 14.78
N ASP A 52 -31.90 -25.87 15.08
CA ASP A 52 -32.52 -24.55 15.09
C ASP A 52 -31.96 -23.80 13.88
N THR A 53 -32.83 -23.52 12.91
CA THR A 53 -32.44 -22.76 11.74
C THR A 53 -32.96 -21.32 11.76
N ALA A 54 -33.83 -20.99 12.73
CA ALA A 54 -34.38 -19.64 12.84
C ALA A 54 -33.43 -18.76 13.66
N ILE A 55 -32.22 -18.62 13.13
CA ILE A 55 -31.21 -17.81 13.80
C ILE A 55 -31.68 -16.37 13.89
N GLU A 56 -31.43 -15.75 15.04
CA GLU A 56 -31.79 -14.36 15.28
C GLU A 56 -30.51 -13.54 15.28
N SER A 57 -30.40 -12.58 14.37
CA SER A 57 -29.17 -11.83 14.21
C SER A 57 -29.44 -10.34 14.30
N SER A 58 -28.42 -9.61 14.73
CA SER A 58 -28.40 -8.16 14.75
C SER A 58 -27.00 -7.71 14.37
N VAL A 59 -26.91 -6.66 13.57
CA VAL A 59 -25.63 -6.14 13.11
C VAL A 59 -25.63 -4.64 13.30
N VAL A 60 -24.51 -4.12 13.81
CA VAL A 60 -24.31 -2.69 13.93
C VAL A 60 -22.91 -2.38 13.44
N THR A 61 -22.76 -1.30 12.67
CA THR A 61 -21.48 -0.97 12.06
C THR A 61 -21.07 0.46 12.41
N LYS A 62 -19.76 0.69 12.37
CA LYS A 62 -19.21 2.02 12.54
C LYS A 62 -17.93 2.13 11.74
N VAL A 63 -17.86 3.10 10.83
CA VAL A 63 -16.68 3.27 9.99
C VAL A 63 -15.81 4.37 10.57
N LYS A 64 -14.50 4.21 10.47
CA LYS A 64 -13.54 5.20 10.92
C LYS A 64 -12.48 5.41 9.85
N GLY A 65 -12.09 6.66 9.66
CA GLY A 65 -11.09 7.01 8.67
C GLY A 65 -11.33 8.42 8.17
N SER A 66 -10.27 9.03 7.65
CA SER A 66 -10.34 10.37 7.08
C SER A 66 -9.60 10.37 5.75
N GLY A 67 -10.05 11.23 4.84
CA GLY A 67 -9.48 11.26 3.51
C GLY A 67 -9.37 12.69 2.99
N LEU A 68 -8.59 12.84 1.94
CA LEU A 68 -8.43 14.11 1.24
C LEU A 68 -9.13 14.00 -0.12
N TYR A 69 -10.09 14.89 -0.34
CA TYR A 69 -10.79 14.93 -1.62
C TYR A 69 -11.14 16.39 -1.90
N ALA A 70 -10.78 16.86 -3.09
CA ALA A 70 -10.94 18.27 -3.45
C ALA A 70 -10.20 19.18 -2.47
N ASN A 71 -9.06 18.69 -1.96
CA ASN A 71 -8.29 19.41 -0.94
C ASN A 71 -9.15 19.79 0.26
N ARG A 72 -10.17 18.99 0.53
CA ARG A 72 -10.93 19.05 1.76
C ARG A 72 -10.78 17.73 2.50
N VAL A 73 -10.80 17.79 3.82
CA VAL A 73 -10.80 16.57 4.61
C VAL A 73 -12.22 16.04 4.71
N MET A 74 -12.35 14.73 4.62
CA MET A 74 -13.64 14.05 4.64
C MET A 74 -13.60 12.99 5.71
N ASP A 75 -14.57 13.04 6.63
CA ASP A 75 -14.70 12.11 7.74
C ASP A 75 -15.97 11.29 7.56
N VAL A 76 -16.22 10.40 8.53
CA VAL A 76 -17.30 9.43 8.40
C VAL A 76 -18.60 10.13 8.02
N SER A 77 -18.86 11.30 8.62
CA SER A 77 -20.07 12.04 8.31
C SER A 77 -20.10 12.55 6.88
N ASP A 78 -18.98 12.52 6.17
CA ASP A 78 -18.88 13.00 4.79
C ASP A 78 -19.04 11.90 3.75
N TYR A 79 -18.43 10.73 3.96
CA TYR A 79 -18.34 9.72 2.92
C TYR A 79 -19.15 8.46 3.21
N VAL A 80 -19.66 8.29 4.43
CA VAL A 80 -20.46 7.11 4.76
C VAL A 80 -21.94 7.46 4.59
N THR A 81 -22.69 6.56 3.96
CA THR A 81 -24.11 6.76 3.78
C THR A 81 -24.82 5.44 3.43
N PRO A 82 -25.98 5.20 4.07
CA PRO A 82 -26.51 6.05 5.13
C PRO A 82 -25.75 5.89 6.45
N PRO A 83 -25.97 6.82 7.39
CA PRO A 83 -25.12 6.89 8.59
C PRO A 83 -25.55 6.05 9.79
N GLN A 84 -26.76 5.49 9.80
CA GLN A 84 -27.25 4.84 11.02
C GLN A 84 -26.49 3.57 11.40
N GLY A 85 -25.46 3.18 10.64
CA GLY A 85 -24.67 2.03 11.02
C GLY A 85 -25.41 0.72 10.99
N THR A 86 -26.15 0.47 9.91
CA THR A 86 -26.84 -0.79 9.71
C THR A 86 -25.92 -1.77 9.00
N SER A 87 -26.46 -2.94 8.63
CA SER A 87 -25.67 -3.94 7.92
C SER A 87 -25.41 -3.59 6.47
N VAL A 88 -25.94 -2.46 5.98
CA VAL A 88 -25.70 -2.01 4.61
C VAL A 88 -25.35 -0.53 4.66
N PHE A 89 -24.18 -0.19 4.10
CA PHE A 89 -23.71 1.19 4.07
C PHE A 89 -22.79 1.36 2.87
N VAL A 90 -22.61 2.61 2.45
CA VAL A 90 -21.74 2.95 1.34
C VAL A 90 -20.60 3.82 1.86
N ILE A 91 -19.39 3.56 1.36
CA ILE A 91 -18.25 4.44 1.57
C ILE A 91 -17.97 5.11 0.24
N ILE A 92 -18.25 6.41 0.17
CA ILE A 92 -18.09 7.14 -1.09
C ILE A 92 -16.60 7.28 -1.40
N THR A 93 -16.21 6.87 -2.60
CA THR A 93 -14.83 6.94 -3.04
C THR A 93 -14.59 7.90 -4.20
N LYS A 94 -15.64 8.42 -4.82
CA LYS A 94 -15.48 9.31 -5.96
C LYS A 94 -16.72 10.19 -6.08
N MET A 95 -16.53 11.42 -6.54
CA MET A 95 -17.64 12.35 -6.60
C MET A 95 -17.55 13.26 -7.82
N ILE A 96 -18.71 13.56 -8.40
CA ILE A 96 -18.87 14.63 -9.36
C ILE A 96 -19.76 15.66 -8.69
N VAL A 97 -19.16 16.77 -8.28
CA VAL A 97 -19.83 17.78 -7.46
C VAL A 97 -20.24 18.95 -8.35
N THR A 98 -21.51 19.32 -8.27
CA THR A 98 -22.08 20.43 -9.03
C THR A 98 -22.56 21.49 -8.04
N GLU A 99 -21.74 22.51 -7.81
CA GLU A 99 -22.03 23.48 -6.76
C GLU A 99 -23.10 24.48 -7.17
N ASN A 100 -23.93 24.86 -6.21
CA ASN A 100 -24.82 26.03 -6.29
C ASN A 100 -25.75 25.98 -7.51
N GLN A 101 -26.57 24.93 -7.57
CA GLN A 101 -27.64 24.87 -8.54
C GLN A 101 -28.83 25.72 -8.11
N MET A 102 -29.55 26.27 -9.11
CA MET A 102 -30.74 27.08 -8.87
C MET A 102 -31.78 26.77 -9.93
N GLN A 103 -33.05 26.91 -9.56
CA GLN A 103 -34.13 26.66 -10.49
C GLN A 103 -34.11 27.70 -11.61
N GLY A 104 -34.15 27.24 -12.85
CA GLY A 104 -34.08 28.16 -13.98
C GLY A 104 -34.07 27.43 -15.30
N PHE A 105 -33.52 28.11 -16.32
CA PHE A 105 -33.39 27.56 -17.66
C PHE A 105 -31.91 27.59 -18.06
N CYS A 106 -31.46 26.52 -18.72
CA CYS A 106 -30.06 26.43 -19.13
C CYS A 106 -29.91 25.30 -20.14
N PRO A 107 -28.80 25.28 -20.87
CA PRO A 107 -28.56 24.22 -21.85
C PRO A 107 -27.99 22.97 -21.21
N GLU A 108 -28.27 21.82 -21.84
CA GLU A 108 -27.73 20.56 -21.37
C GLU A 108 -26.23 20.50 -21.62
N SER A 109 -25.51 19.83 -20.72
CA SER A 109 -24.05 19.81 -20.80
C SER A 109 -23.52 18.72 -21.73
N GLU A 110 -23.96 17.49 -21.54
CA GLU A 110 -23.37 16.36 -22.27
C GLU A 110 -23.69 16.45 -23.76
N GLU A 111 -22.73 16.02 -24.58
CA GLU A 111 -22.90 16.07 -26.02
C GLU A 111 -24.05 15.20 -26.51
N LYS A 112 -24.48 14.23 -25.69
CA LYS A 112 -25.62 13.39 -26.07
C LYS A 112 -26.85 14.23 -26.40
N TYR A 113 -26.91 15.47 -25.93
CA TYR A 113 -28.04 16.35 -26.16
C TYR A 113 -27.76 17.40 -27.22
N ARG A 114 -26.77 17.16 -28.08
CA ARG A 114 -26.40 18.12 -29.12
C ARG A 114 -27.61 18.48 -29.97
N CYS A 115 -27.84 19.78 -30.15
CA CYS A 115 -28.97 20.27 -30.92
C CYS A 115 -28.51 21.32 -31.92
N VAL A 116 -29.14 21.32 -33.10
CA VAL A 116 -28.91 22.35 -34.11
C VAL A 116 -30.23 23.02 -34.47
N SER A 117 -31.33 22.28 -34.32
CA SER A 117 -32.65 22.77 -34.66
C SER A 117 -33.62 22.52 -33.51
N ASP A 118 -34.43 23.52 -33.18
CA ASP A 118 -35.39 23.39 -32.09
C ASP A 118 -36.34 22.21 -32.30
N SER A 119 -36.43 21.68 -33.52
CA SER A 119 -37.26 20.50 -33.76
C SER A 119 -36.63 19.24 -33.17
N GLN A 120 -35.31 19.22 -33.05
CA GLN A 120 -34.60 18.08 -32.46
C GLN A 120 -34.81 17.99 -30.94
N CYS A 121 -35.28 19.05 -30.29
CA CYS A 121 -35.56 19.04 -28.86
C CYS A 121 -37.00 18.57 -28.65
N GLY A 122 -37.17 17.25 -28.66
CA GLY A 122 -38.48 16.64 -28.59
C GLY A 122 -38.52 15.50 -27.58
N PRO A 123 -39.63 14.75 -27.57
CA PRO A 123 -39.77 13.67 -26.59
C PRO A 123 -38.75 12.54 -26.76
N GLU A 124 -38.24 12.34 -27.97
CA GLU A 124 -37.30 11.25 -28.22
C GLU A 124 -35.99 11.40 -27.46
N ARG A 125 -35.75 12.54 -26.80
CA ARG A 125 -34.52 12.74 -26.06
C ARG A 125 -34.53 11.93 -24.78
N LEU A 126 -33.34 11.50 -24.36
CA LEU A 126 -33.17 10.71 -23.16
C LEU A 126 -33.42 11.57 -21.94
N PRO A 127 -33.62 10.95 -20.77
CA PRO A 127 -33.82 11.74 -19.55
C PRO A 127 -32.63 12.67 -19.30
N GLY A 128 -32.95 13.88 -18.83
CA GLY A 128 -31.94 14.89 -18.62
C GLY A 128 -32.04 15.63 -17.30
N GLY A 129 -31.23 16.67 -17.14
CA GLY A 129 -31.26 17.45 -15.91
C GLY A 129 -32.63 17.98 -15.56
N GLY A 130 -33.45 18.32 -16.56
CA GLY A 130 -34.78 18.84 -16.29
C GLY A 130 -35.81 18.57 -17.36
N ILE A 131 -36.84 19.42 -17.42
CA ILE A 131 -37.84 19.33 -18.49
C ILE A 131 -37.31 20.07 -19.72
N LEU A 132 -37.80 19.68 -20.89
CA LEU A 132 -37.37 20.32 -22.13
C LEU A 132 -38.28 21.48 -22.46
N THR A 133 -37.67 22.65 -22.73
CA THR A 133 -38.43 23.82 -23.17
C THR A 133 -38.85 23.70 -24.62
N GLY A 134 -38.26 22.76 -25.37
CA GLY A 134 -38.39 22.74 -26.81
C GLY A 134 -37.47 23.69 -27.53
N ARG A 135 -36.90 24.67 -26.82
CA ARG A 135 -35.94 25.60 -27.37
C ARG A 135 -34.57 24.94 -27.50
N CYS A 136 -33.68 25.62 -28.21
CA CYS A 136 -32.31 25.16 -28.43
C CYS A 136 -31.39 26.32 -28.14
N VAL A 137 -30.31 26.07 -27.40
CA VAL A 137 -29.43 27.12 -26.92
C VAL A 137 -27.98 26.72 -27.18
N ASN A 138 -27.10 27.72 -27.11
CA ASN A 138 -25.67 27.50 -27.23
C ASN A 138 -25.10 27.23 -25.84
N TYR A 139 -24.62 26.01 -25.61
CA TYR A 139 -23.90 25.74 -24.37
C TYR A 139 -22.52 26.38 -24.41
N SER A 140 -21.84 26.29 -25.54
CA SER A 140 -20.56 26.93 -25.75
C SER A 140 -20.51 27.45 -27.17
N SER A 141 -19.44 28.19 -27.48
CA SER A 141 -19.25 28.65 -28.86
C SER A 141 -19.22 27.48 -29.82
N VAL A 142 -18.56 26.38 -29.43
CA VAL A 142 -18.41 25.24 -30.32
C VAL A 142 -19.67 24.38 -30.35
N LEU A 143 -20.39 24.25 -29.25
CA LEU A 143 -21.47 23.28 -29.14
C LEU A 143 -22.79 23.96 -28.79
N ARG A 144 -23.87 23.46 -29.39
CA ARG A 144 -25.23 23.88 -29.08
C ARG A 144 -26.06 22.67 -28.70
N THR A 145 -26.84 22.79 -27.63
CA THR A 145 -27.63 21.69 -27.12
C THR A 145 -29.04 22.17 -26.78
N CYS A 146 -29.87 21.22 -26.35
CA CYS A 146 -31.26 21.52 -26.02
C CYS A 146 -31.35 22.25 -24.68
N GLU A 147 -32.26 23.21 -24.60
CA GLU A 147 -32.49 23.92 -23.34
C GLU A 147 -33.46 23.14 -22.47
N ILE A 148 -33.26 23.28 -21.15
CA ILE A 148 -34.11 22.62 -20.17
C ILE A 148 -34.42 23.61 -19.04
N GLN A 149 -35.55 23.35 -18.38
CA GLN A 149 -35.95 24.04 -17.16
C GLN A 149 -35.75 23.07 -16.00
N GLY A 150 -35.00 23.50 -14.99
CA GLY A 150 -34.68 22.65 -13.87
C GLY A 150 -33.55 23.24 -13.04
N TRP A 151 -32.79 22.37 -12.41
CA TRP A 151 -31.68 22.79 -11.56
C TRP A 151 -30.47 23.10 -12.44
N CYS A 152 -30.02 24.34 -12.40
CA CYS A 152 -28.97 24.85 -13.30
C CYS A 152 -27.75 25.34 -12.53
N PRO A 153 -26.55 25.17 -13.12
CA PRO A 153 -26.36 24.54 -14.42
C PRO A 153 -26.37 23.02 -14.33
N THR A 154 -26.45 22.35 -15.48
CA THR A 154 -26.43 20.90 -15.50
C THR A 154 -25.04 20.36 -15.15
N GLU A 155 -25.02 19.11 -14.72
CA GLU A 155 -23.78 18.43 -14.38
C GLU A 155 -22.93 18.22 -15.64
N VAL A 156 -21.62 18.39 -15.50
CA VAL A 156 -20.68 18.23 -16.60
C VAL A 156 -19.77 17.05 -16.33
N ASP A 157 -19.86 16.02 -17.17
CA ASP A 157 -19.06 14.79 -17.02
C ASP A 157 -18.07 14.69 -18.17
N THR A 158 -17.12 15.63 -18.22
CA THR A 158 -16.15 15.69 -19.31
C THR A 158 -14.83 15.02 -18.97
N VAL A 159 -14.30 15.26 -17.77
CA VAL A 159 -13.05 14.67 -17.33
C VAL A 159 -13.34 13.87 -16.07
N GLU A 160 -12.62 12.77 -15.89
CA GLU A 160 -12.86 11.92 -14.74
C GLU A 160 -12.33 12.57 -13.47
N THR A 161 -13.05 12.39 -12.42
CA THR A 161 -12.71 12.82 -11.08
C THR A 161 -11.85 11.78 -10.38
N PRO A 162 -11.00 12.21 -9.46
CA PRO A 162 -10.12 11.27 -8.74
C PRO A 162 -10.90 10.49 -7.70
N ILE A 163 -10.27 9.44 -7.20
CA ILE A 163 -10.81 8.66 -6.10
C ILE A 163 -10.10 9.06 -4.80
N MET A 164 -10.76 8.75 -3.69
CA MET A 164 -10.21 9.02 -2.36
C MET A 164 -9.33 7.84 -1.97
N MET A 165 -8.03 7.95 -2.25
CA MET A 165 -7.12 6.83 -2.05
C MET A 165 -7.13 6.36 -0.60
N GLU A 166 -7.15 7.30 0.35
CA GLU A 166 -7.07 6.95 1.76
C GLU A 166 -8.15 5.98 2.17
N ALA A 167 -9.28 5.96 1.44
CA ALA A 167 -10.37 5.06 1.79
C ALA A 167 -9.91 3.62 1.91
N GLU A 168 -8.84 3.25 1.20
CA GLU A 168 -8.36 1.87 1.28
C GLU A 168 -8.02 1.47 2.72
N ASN A 169 -7.71 2.44 3.56
CA ASN A 169 -7.34 2.22 4.96
C ASN A 169 -8.46 2.41 5.96
N PHE A 170 -9.64 2.85 5.52
CA PHE A 170 -10.72 3.00 6.48
C PHE A 170 -10.98 1.66 7.18
N THR A 171 -11.62 1.73 8.35
CA THR A 171 -11.93 0.55 9.14
C THR A 171 -13.44 0.45 9.35
N ILE A 172 -13.92 -0.79 9.33
CA ILE A 172 -15.32 -1.12 9.54
C ILE A 172 -15.42 -1.91 10.84
N PHE A 173 -16.18 -1.37 11.79
CA PHE A 173 -16.41 -2.04 13.06
C PHE A 173 -17.76 -2.72 12.99
N ILE A 174 -17.76 -4.04 13.18
CA ILE A 174 -18.94 -4.88 13.06
C ILE A 174 -19.22 -5.50 14.41
N LYS A 175 -20.33 -5.09 15.02
CA LYS A 175 -20.86 -5.75 16.22
C LYS A 175 -22.01 -6.64 15.75
N ASN A 176 -21.78 -7.94 15.73
CA ASN A 176 -22.77 -8.90 15.26
C ASN A 176 -23.18 -9.78 16.44
N SER A 177 -24.46 -9.71 16.79
CA SER A 177 -25.04 -10.53 17.86
C SER A 177 -25.94 -11.58 17.23
N ILE A 178 -25.80 -12.83 17.67
CA ILE A 178 -26.64 -13.90 17.18
C ILE A 178 -27.16 -14.71 18.36
N ARG A 179 -28.31 -15.33 18.13
CA ARG A 179 -29.00 -16.13 19.14
C ARG A 179 -29.80 -17.21 18.44
N PHE A 180 -29.58 -18.46 18.83
CA PHE A 180 -30.50 -19.53 18.51
C PHE A 180 -31.48 -19.64 19.66
N PRO A 181 -32.74 -19.23 19.50
CA PRO A 181 -33.65 -19.21 20.64
C PRO A 181 -34.07 -20.59 21.09
N LEU A 182 -34.15 -21.54 20.16
CA LEU A 182 -34.50 -22.92 20.52
C LEU A 182 -33.63 -23.42 21.66
N PHE A 183 -32.34 -23.14 21.60
CA PHE A 183 -31.39 -23.56 22.63
C PHE A 183 -31.02 -22.45 23.59
N ASN A 184 -31.71 -21.31 23.50
CA ASN A 184 -31.41 -20.13 24.33
C ASN A 184 -29.92 -19.83 24.32
N PHE A 185 -29.33 -19.84 23.13
CA PHE A 185 -27.89 -19.68 22.96
C PHE A 185 -27.60 -18.33 22.30
N GLU A 186 -26.73 -17.55 22.93
CA GLU A 186 -26.38 -16.23 22.42
C GLU A 186 -24.87 -16.08 22.33
N LYS A 187 -24.38 -15.68 21.17
CA LYS A 187 -22.96 -15.37 21.02
C LYS A 187 -22.77 -14.27 19.99
N GLY A 188 -21.61 -13.62 20.06
CA GLY A 188 -21.31 -12.50 19.19
C GLY A 188 -19.85 -12.50 18.81
N ASN A 189 -19.55 -11.78 17.71
CA ASN A 189 -18.17 -11.68 17.27
C ASN A 189 -17.32 -10.86 18.23
N LEU A 190 -17.94 -10.10 19.14
CA LEU A 190 -17.24 -9.47 20.25
C LEU A 190 -17.30 -10.38 21.46
N LEU A 191 -16.18 -11.01 21.78
CA LEU A 191 -16.16 -11.93 22.91
C LEU A 191 -16.21 -11.14 24.21
N PRO A 192 -16.67 -11.76 25.30
CA PRO A 192 -16.80 -11.01 26.56
C PRO A 192 -15.48 -10.52 27.13
N ASN A 193 -14.35 -11.18 26.85
CA ASN A 193 -13.05 -10.76 27.35
C ASN A 193 -12.34 -9.81 26.39
N LEU A 194 -13.06 -9.19 25.47
CA LEU A 194 -12.49 -8.19 24.59
C LEU A 194 -12.20 -6.90 25.36
N THR A 195 -11.00 -6.36 25.14
CA THR A 195 -10.51 -5.21 25.87
C THR A 195 -10.14 -4.10 24.90
N ALA A 196 -10.00 -2.88 25.44
CA ALA A 196 -9.66 -1.73 24.60
C ALA A 196 -8.35 -1.95 23.86
N ARG A 197 -7.38 -2.59 24.51
CA ARG A 197 -6.14 -2.92 23.82
C ARG A 197 -6.40 -3.84 22.64
N ASP A 198 -7.25 -4.86 22.83
CA ASP A 198 -7.63 -5.73 21.72
C ASP A 198 -8.15 -4.91 20.55
N MET A 199 -9.14 -4.05 20.81
CA MET A 199 -9.70 -3.26 19.72
C MET A 199 -8.63 -2.42 19.05
N LYS A 200 -7.71 -1.87 19.84
CA LYS A 200 -6.67 -0.99 19.31
C LYS A 200 -5.64 -1.75 18.49
N THR A 201 -5.54 -3.08 18.65
CA THR A 201 -4.40 -3.80 18.09
C THR A 201 -4.72 -5.11 17.40
N CYS A 202 -5.96 -5.59 17.41
CA CYS A 202 -6.24 -6.89 16.81
C CYS A 202 -6.21 -6.81 15.29
N ARG A 203 -5.78 -7.91 14.66
CA ARG A 203 -5.62 -7.99 13.21
C ARG A 203 -6.62 -9.02 12.69
N PHE A 204 -7.71 -8.53 12.09
CA PHE A 204 -8.76 -9.45 11.66
C PHE A 204 -8.25 -10.39 10.56
N HIS A 205 -8.64 -11.66 10.67
CA HIS A 205 -8.42 -12.64 9.62
C HIS A 205 -9.51 -13.68 9.73
N PRO A 206 -10.11 -14.09 8.60
CA PRO A 206 -11.23 -15.04 8.68
C PRO A 206 -10.88 -16.33 9.39
N ASP A 207 -9.67 -16.85 9.20
CA ASP A 207 -9.24 -18.09 9.86
C ASP A 207 -8.49 -17.81 11.16
N LYS A 208 -7.52 -16.90 11.12
CA LYS A 208 -6.59 -16.72 12.24
C LYS A 208 -7.24 -15.98 13.41
N ASP A 209 -8.04 -14.96 13.15
CA ASP A 209 -8.67 -14.17 14.21
C ASP A 209 -10.05 -13.70 13.77
N PRO A 210 -11.07 -14.54 13.97
CA PRO A 210 -12.42 -14.18 13.55
C PRO A 210 -13.12 -13.21 14.48
N PHE A 211 -12.57 -12.97 15.67
CA PHE A 211 -13.27 -12.19 16.70
C PHE A 211 -12.71 -10.78 16.84
N CYS A 212 -11.96 -10.31 15.85
CA CYS A 212 -11.53 -8.92 15.81
C CYS A 212 -12.63 -8.11 15.12
N PRO A 213 -13.27 -7.16 15.81
CA PRO A 213 -14.39 -6.44 15.19
C PRO A 213 -13.99 -5.39 14.17
N ILE A 214 -12.70 -5.18 13.93
CA ILE A 214 -12.22 -4.14 13.01
C ILE A 214 -11.74 -4.79 11.72
N LEU A 215 -12.33 -4.40 10.60
CA LEU A 215 -11.95 -4.89 9.28
C LEU A 215 -11.45 -3.74 8.42
N ARG A 216 -10.28 -3.91 7.81
CA ARG A 216 -9.74 -2.86 6.93
C ARG A 216 -10.49 -2.88 5.60
N VAL A 217 -10.99 -1.70 5.20
CA VAL A 217 -11.76 -1.61 3.97
C VAL A 217 -10.98 -2.23 2.81
N GLY A 218 -9.71 -1.84 2.67
CA GLY A 218 -8.89 -2.44 1.64
C GLY A 218 -8.81 -3.95 1.75
N ASP A 219 -8.70 -4.45 2.99
CA ASP A 219 -8.69 -5.89 3.20
C ASP A 219 -9.99 -6.53 2.71
N VAL A 220 -11.13 -5.95 3.10
CA VAL A 220 -12.41 -6.50 2.66
C VAL A 220 -12.50 -6.50 1.14
N VAL A 221 -12.01 -5.42 0.52
CA VAL A 221 -12.03 -5.35 -0.95
C VAL A 221 -11.20 -6.47 -1.55
N LYS A 222 -10.04 -6.76 -0.95
CA LYS A 222 -9.16 -7.77 -1.55
C LYS A 222 -9.69 -9.18 -1.31
N PHE A 223 -10.17 -9.47 -0.11
CA PHE A 223 -10.84 -10.75 0.14
C PHE A 223 -11.94 -11.01 -0.87
N ALA A 224 -12.63 -9.95 -1.31
CA ALA A 224 -13.66 -10.07 -2.33
C ALA A 224 -13.09 -10.25 -3.72
N GLY A 225 -11.76 -10.32 -3.86
CA GLY A 225 -11.16 -10.49 -5.16
C GLY A 225 -11.21 -9.26 -6.03
N GLN A 226 -11.15 -8.07 -5.44
CA GLN A 226 -11.29 -6.83 -6.17
C GLN A 226 -10.06 -5.95 -6.00
N ASP A 227 -9.81 -5.12 -7.01
CA ASP A 227 -8.73 -4.14 -6.96
C ASP A 227 -9.31 -2.81 -6.51
N PHE A 228 -8.85 -2.31 -5.37
CA PHE A 228 -9.47 -1.14 -4.78
C PHE A 228 -9.48 0.04 -5.73
N ALA A 229 -8.42 0.20 -6.53
CA ALA A 229 -8.37 1.34 -7.44
C ALA A 229 -9.54 1.32 -8.42
N LYS A 230 -9.71 0.18 -9.10
CA LYS A 230 -10.79 0.06 -10.07
C LYS A 230 -12.15 0.10 -9.40
N LEU A 231 -12.33 -0.69 -8.33
CA LEU A 231 -13.62 -0.73 -7.65
C LEU A 231 -14.03 0.65 -7.16
N ALA A 232 -13.10 1.38 -6.56
CA ALA A 232 -13.37 2.74 -6.12
C ALA A 232 -13.58 3.69 -7.29
N ARG A 233 -13.04 3.38 -8.47
CA ARG A 233 -13.31 4.22 -9.63
C ARG A 233 -14.74 4.03 -10.14
N THR A 234 -15.19 2.78 -10.20
CA THR A 234 -16.50 2.47 -10.79
C THR A 234 -17.63 2.45 -9.77
N GLY A 235 -17.31 2.16 -8.51
CA GLY A 235 -18.35 1.84 -7.54
C GLY A 235 -18.72 0.37 -7.64
N GLY A 236 -19.16 -0.22 -6.53
CA GLY A 236 -19.50 -1.63 -6.53
C GLY A 236 -20.17 -2.01 -5.24
N VAL A 237 -20.62 -3.26 -5.19
CA VAL A 237 -21.31 -3.82 -4.03
C VAL A 237 -20.53 -5.04 -3.55
N LEU A 238 -20.02 -4.98 -2.32
CA LEU A 238 -19.33 -6.09 -1.70
C LEU A 238 -20.20 -6.71 -0.62
N GLY A 239 -20.15 -8.04 -0.53
CA GLY A 239 -20.88 -8.78 0.48
C GLY A 239 -19.92 -9.40 1.50
N ILE A 240 -20.21 -9.13 2.76
CA ILE A 240 -19.52 -9.72 3.91
C ILE A 240 -20.49 -10.71 4.54
N LYS A 241 -20.29 -12.00 4.28
CA LYS A 241 -21.16 -13.05 4.80
C LYS A 241 -20.58 -13.58 6.11
N ILE A 242 -21.41 -13.66 7.14
CA ILE A 242 -21.01 -14.18 8.45
C ILE A 242 -21.89 -15.38 8.75
N GLY A 243 -21.28 -16.56 8.82
CA GLY A 243 -22.01 -17.80 9.02
C GLY A 243 -21.74 -18.38 10.41
N TRP A 244 -22.82 -18.63 11.14
CA TRP A 244 -22.76 -19.23 12.46
C TRP A 244 -23.37 -20.64 12.36
N VAL A 245 -22.55 -21.60 11.95
CA VAL A 245 -22.95 -23.00 11.92
C VAL A 245 -22.30 -23.65 13.13
N CYS A 246 -23.11 -23.90 14.17
CA CYS A 246 -22.60 -24.26 15.47
C CYS A 246 -23.21 -25.58 15.95
N ASP A 247 -22.35 -26.49 16.38
CA ASP A 247 -22.74 -27.75 17.00
C ASP A 247 -22.70 -27.54 18.51
N LEU A 248 -23.84 -27.17 19.08
CA LEU A 248 -23.89 -26.84 20.50
C LEU A 248 -23.53 -28.01 21.39
N ASP A 249 -23.40 -29.22 20.84
CA ASP A 249 -22.85 -30.32 21.62
C ASP A 249 -21.39 -30.06 21.99
N LYS A 250 -20.61 -29.51 21.05
CA LYS A 250 -19.23 -29.18 21.34
C LYS A 250 -19.14 -27.93 22.22
N ALA A 251 -17.92 -27.48 22.48
CA ALA A 251 -17.69 -26.39 23.42
C ALA A 251 -18.28 -25.08 22.93
N TRP A 252 -18.66 -24.22 23.89
CA TRP A 252 -19.10 -22.87 23.57
C TRP A 252 -18.05 -22.12 22.75
N ASP A 253 -16.78 -22.38 23.01
CA ASP A 253 -15.69 -21.74 22.28
C ASP A 253 -15.48 -22.31 20.88
N GLN A 254 -16.14 -23.41 20.54
CA GLN A 254 -16.08 -23.94 19.17
C GLN A 254 -17.05 -23.24 18.23
N CYS A 255 -18.06 -22.55 18.78
CA CYS A 255 -19.04 -21.82 17.97
C CYS A 255 -18.40 -20.49 17.55
N ILE A 256 -17.88 -20.44 16.33
CA ILE A 256 -17.15 -19.27 15.85
C ILE A 256 -17.76 -18.81 14.53
N PRO A 257 -17.62 -17.52 14.19
CA PRO A 257 -18.17 -17.04 12.92
C PRO A 257 -17.24 -17.33 11.75
N LYS A 258 -17.86 -17.67 10.62
CA LYS A 258 -17.13 -17.93 9.39
C LYS A 258 -17.37 -16.78 8.43
N TYR A 259 -16.31 -16.04 8.11
CA TYR A 259 -16.41 -14.87 7.25
C TYR A 259 -16.11 -15.26 5.81
N SER A 260 -16.95 -14.78 4.90
CA SER A 260 -16.78 -14.94 3.46
C SER A 260 -16.95 -13.57 2.81
N PHE A 261 -16.28 -13.35 1.69
CA PHE A 261 -16.32 -12.06 1.04
C PHE A 261 -16.51 -12.25 -0.45
N THR A 262 -17.30 -11.36 -1.05
CA THR A 262 -17.54 -11.45 -2.49
C THR A 262 -17.99 -10.10 -3.01
N ARG A 263 -18.14 -10.01 -4.32
CA ARG A 263 -18.76 -8.87 -4.97
C ARG A 263 -20.14 -9.31 -5.44
N LEU A 264 -21.18 -8.60 -4.96
CA LEU A 264 -22.55 -9.03 -5.22
C LEU A 264 -23.06 -8.56 -6.58
N ASP A 265 -22.65 -7.37 -7.02
CA ASP A 265 -23.04 -6.90 -8.35
C ASP A 265 -22.11 -7.49 -9.41
N SER A 266 -22.18 -8.82 -9.53
CA SER A 266 -21.31 -9.54 -10.45
C SER A 266 -21.56 -9.15 -11.89
N VAL A 267 -22.80 -8.79 -12.22
CA VAL A 267 -23.12 -8.32 -13.56
C VAL A 267 -22.25 -7.13 -13.95
N SER A 268 -22.02 -6.21 -13.02
CA SER A 268 -21.33 -4.96 -13.32
C SER A 268 -20.00 -5.19 -14.04
N GLU A 269 -19.23 -6.21 -13.64
CA GLU A 269 -17.93 -6.42 -14.27
C GLU A 269 -18.05 -6.97 -15.67
N LYS A 270 -19.09 -7.78 -15.93
CA LYS A 270 -19.28 -8.39 -17.23
C LYS A 270 -20.05 -7.49 -18.20
N SER A 271 -20.48 -6.31 -17.77
CA SER A 271 -21.34 -5.46 -18.59
C SER A 271 -20.65 -4.13 -18.86
N SER A 272 -20.73 -3.69 -20.11
CA SER A 272 -20.17 -2.41 -20.52
C SER A 272 -21.17 -1.28 -20.34
N VAL A 273 -22.46 -1.58 -20.33
CA VAL A 273 -23.47 -0.53 -20.24
C VAL A 273 -23.49 0.07 -18.85
N SER A 274 -23.43 -0.76 -17.83
CA SER A 274 -23.42 -0.31 -16.43
C SER A 274 -22.31 -1.04 -15.69
N PRO A 275 -21.19 -0.36 -15.38
CA PRO A 275 -19.99 -1.09 -14.92
C PRO A 275 -19.78 -1.07 -13.42
N GLY A 276 -20.53 -0.27 -12.68
CA GLY A 276 -20.28 -0.09 -11.26
C GLY A 276 -21.53 0.27 -10.50
N TYR A 277 -21.37 1.12 -9.49
CA TYR A 277 -22.46 1.52 -8.61
C TYR A 277 -22.29 2.97 -8.21
N ASN A 278 -23.29 3.80 -8.52
CA ASN A 278 -23.28 5.20 -8.14
C ASN A 278 -24.71 5.69 -8.02
N PHE A 279 -24.87 6.85 -7.39
CA PHE A 279 -26.19 7.44 -7.16
C PHE A 279 -26.01 8.94 -6.96
N ARG A 280 -27.11 9.68 -7.07
CA ARG A 280 -27.06 11.13 -6.95
C ARG A 280 -27.90 11.60 -5.76
N PHE A 281 -27.36 12.56 -5.02
CA PHE A 281 -28.09 13.22 -3.94
C PHE A 281 -27.62 14.66 -3.85
N ALA A 282 -28.38 15.48 -3.13
CA ALA A 282 -28.13 16.92 -3.08
C ALA A 282 -28.10 17.41 -1.64
N LYS A 283 -27.35 18.50 -1.44
CA LYS A 283 -27.34 19.25 -0.18
C LYS A 283 -28.09 20.56 -0.40
N TYR A 284 -29.10 20.82 0.42
CA TYR A 284 -30.00 21.94 0.17
C TYR A 284 -29.69 23.10 1.09
N TYR A 285 -29.71 24.30 0.50
CA TYR A 285 -29.39 25.55 1.18
C TYR A 285 -30.40 26.61 0.77
N LYS A 286 -30.48 27.64 1.61
CA LYS A 286 -31.28 28.83 1.36
C LYS A 286 -30.44 30.07 1.64
N MET A 287 -30.69 31.13 0.89
CA MET A 287 -30.08 32.42 1.16
C MET A 287 -30.91 33.18 2.20
N GLU A 288 -30.29 34.21 2.80
CA GLU A 288 -31.07 35.14 3.63
C GLU A 288 -32.20 35.73 2.82
N ASN A 289 -31.91 36.06 1.56
CA ASN A 289 -32.90 36.43 0.56
C ASN A 289 -34.04 35.41 0.47
N GLY A 290 -33.76 34.14 0.78
CA GLY A 290 -34.80 33.14 0.82
C GLY A 290 -34.90 32.24 -0.39
N SER A 291 -34.03 32.40 -1.38
CA SER A 291 -34.06 31.56 -2.57
C SER A 291 -33.34 30.25 -2.31
N GLU A 292 -33.86 29.17 -2.90
CA GLU A 292 -33.27 27.85 -2.72
C GLU A 292 -32.09 27.65 -3.68
N TYR A 293 -31.03 27.05 -3.17
CA TYR A 293 -29.94 26.59 -4.02
C TYR A 293 -29.35 25.33 -3.40
N ARG A 294 -28.82 24.44 -4.24
CA ARG A 294 -28.38 23.14 -3.78
C ARG A 294 -27.03 22.80 -4.41
N THR A 295 -26.31 21.88 -3.76
CA THR A 295 -25.11 21.30 -4.31
C THR A 295 -25.41 19.85 -4.70
N LEU A 296 -25.30 19.55 -5.98
CA LEU A 296 -25.55 18.21 -6.49
C LEU A 296 -24.30 17.35 -6.35
N LEU A 297 -24.52 16.06 -6.09
CA LEU A 297 -23.43 15.11 -5.89
C LEU A 297 -23.74 13.81 -6.63
N LYS A 298 -22.86 13.42 -7.55
CA LYS A 298 -22.85 12.09 -8.12
C LYS A 298 -21.79 11.28 -7.37
N ALA A 299 -22.26 10.33 -6.56
CA ALA A 299 -21.43 9.56 -5.66
C ALA A 299 -21.14 8.18 -6.24
N PHE A 300 -19.86 7.86 -6.35
CA PHE A 300 -19.36 6.52 -6.60
C PHE A 300 -18.80 5.99 -5.29
N GLY A 301 -19.15 4.76 -4.95
CA GLY A 301 -18.67 4.20 -3.70
C GLY A 301 -18.78 2.70 -3.67
N ILE A 302 -18.25 2.12 -2.61
CA ILE A 302 -18.31 0.70 -2.35
C ILE A 302 -19.41 0.45 -1.33
N ARG A 303 -20.42 -0.32 -1.71
CA ARG A 303 -21.50 -0.68 -0.80
C ARG A 303 -21.18 -2.02 -0.14
N PHE A 304 -21.31 -2.07 1.18
CA PHE A 304 -21.00 -3.27 1.95
C PHE A 304 -22.30 -3.84 2.50
N ASP A 305 -22.57 -5.10 2.18
CA ASP A 305 -23.73 -5.82 2.68
C ASP A 305 -23.25 -6.90 3.64
N VAL A 306 -23.61 -6.77 4.91
CA VAL A 306 -23.27 -7.78 5.92
C VAL A 306 -24.43 -8.77 5.99
N LEU A 307 -24.19 -10.00 5.52
CA LEU A 307 -25.21 -11.04 5.48
C LEU A 307 -24.85 -12.09 6.53
N VAL A 308 -25.77 -12.33 7.46
CA VAL A 308 -25.56 -13.28 8.55
C VAL A 308 -26.48 -14.48 8.33
N TYR A 309 -25.89 -15.67 8.36
CA TYR A 309 -26.62 -16.91 8.24
C TYR A 309 -26.10 -17.86 9.30
N GLY A 310 -26.89 -18.87 9.61
CA GLY A 310 -26.45 -19.87 10.57
C GLY A 310 -27.53 -20.87 10.88
N ASN A 311 -27.07 -22.02 11.36
CA ASN A 311 -27.93 -23.06 11.90
C ASN A 311 -27.19 -23.72 13.06
N ALA A 312 -27.94 -24.20 14.04
CA ALA A 312 -27.38 -24.81 15.22
C ALA A 312 -28.00 -26.17 15.45
N GLY A 313 -27.25 -27.05 16.12
CA GLY A 313 -27.76 -28.35 16.48
C GLY A 313 -27.32 -28.81 17.84
N LYS A 314 -28.23 -29.41 18.61
CA LYS A 314 -27.86 -29.97 19.91
C LYS A 314 -28.53 -31.31 20.10
N PHE A 315 -27.81 -32.23 20.75
CA PHE A 315 -28.35 -33.55 21.03
C PHE A 315 -29.68 -33.47 21.75
N ASN A 316 -30.66 -34.22 21.27
CA ASN A 316 -31.93 -34.39 21.95
C ASN A 316 -32.34 -35.85 21.83
N ILE A 317 -32.84 -36.42 22.93
CA ILE A 317 -33.10 -37.85 22.97
C ILE A 317 -34.17 -38.25 21.95
N ILE A 318 -35.18 -37.41 21.76
CA ILE A 318 -36.31 -37.73 20.89
C ILE A 318 -35.82 -38.06 19.49
N PRO A 319 -35.16 -37.12 18.79
CA PRO A 319 -34.65 -37.44 17.45
C PRO A 319 -33.65 -38.58 17.44
N THR A 320 -33.00 -38.88 18.56
CA THR A 320 -32.13 -40.05 18.64
C THR A 320 -32.95 -41.33 18.60
N ILE A 321 -34.07 -41.35 19.32
CA ILE A 321 -34.95 -42.52 19.30
C ILE A 321 -35.57 -42.70 17.92
N ILE A 322 -36.20 -41.64 17.41
CA ILE A 322 -36.85 -41.76 16.10
C ILE A 322 -35.84 -42.07 15.01
N SER A 323 -34.66 -41.42 15.08
CA SER A 323 -33.65 -41.63 14.06
C SER A 323 -33.05 -43.03 14.12
N SER A 324 -32.77 -43.53 15.32
CA SER A 324 -32.21 -44.87 15.44
C SER A 324 -33.23 -45.93 15.05
N VAL A 325 -34.49 -45.74 15.45
CA VAL A 325 -35.55 -46.67 15.04
C VAL A 325 -35.68 -46.67 13.51
N ALA A 326 -35.68 -45.48 12.90
CA ALA A 326 -35.70 -45.40 11.44
C ALA A 326 -34.48 -46.06 10.83
N ALA A 327 -33.33 -46.02 11.52
CA ALA A 327 -32.13 -46.67 11.00
C ALA A 327 -32.26 -48.18 11.04
N PHE A 328 -32.83 -48.73 12.12
CA PHE A 328 -33.02 -50.17 12.21
C PHE A 328 -34.07 -50.65 11.22
N THR A 329 -35.20 -49.93 11.12
CA THR A 329 -36.19 -50.28 10.10
C THR A 329 -35.61 -50.17 8.70
N SER A 330 -34.69 -49.23 8.48
CA SER A 330 -34.11 -49.03 7.15
C SER A 330 -33.14 -50.15 6.81
N VAL A 331 -32.24 -50.50 7.73
CA VAL A 331 -31.30 -51.59 7.48
C VAL A 331 -32.06 -52.91 7.35
N GLY A 332 -33.13 -53.08 8.15
CA GLY A 332 -33.92 -54.30 8.05
C GLY A 332 -34.63 -54.42 6.72
N VAL A 333 -35.29 -53.35 6.28
CA VAL A 333 -35.94 -53.36 4.98
C VAL A 333 -34.92 -53.60 3.87
N GLY A 334 -33.73 -53.04 4.03
CA GLY A 334 -32.70 -53.24 3.01
C GLY A 334 -32.25 -54.68 2.91
N THR A 335 -31.86 -55.28 4.03
CA THR A 335 -31.45 -56.68 4.02
C THR A 335 -32.57 -57.60 3.57
N VAL A 336 -33.82 -57.25 3.89
CA VAL A 336 -34.95 -58.07 3.47
C VAL A 336 -35.11 -58.03 1.96
N LEU A 337 -35.10 -56.81 1.38
CA LEU A 337 -35.28 -56.70 -0.07
C LEU A 337 -34.11 -57.31 -0.83
N CYS A 338 -32.88 -57.13 -0.34
CA CYS A 338 -31.75 -57.76 -1.00
C CYS A 338 -31.79 -59.28 -0.87
N ASP A 339 -32.29 -59.78 0.26
CA ASP A 339 -32.44 -61.24 0.42
C ASP A 339 -33.47 -61.80 -0.54
N ILE A 340 -34.59 -61.09 -0.73
CA ILE A 340 -35.62 -61.56 -1.66
C ILE A 340 -35.13 -61.50 -3.10
N ILE A 341 -34.58 -60.35 -3.51
CA ILE A 341 -34.07 -60.22 -4.87
C ILE A 341 -32.98 -61.25 -5.13
N LEU A 342 -32.22 -61.62 -4.10
CA LEU A 342 -31.23 -62.68 -4.27
C LEU A 342 -31.88 -64.05 -4.36
N LEU A 343 -32.99 -64.25 -3.64
CA LEU A 343 -33.66 -65.55 -3.66
C LEU A 343 -34.30 -65.82 -5.03
N ASN A 344 -34.99 -64.84 -5.61
CA ASN A 344 -35.67 -65.10 -6.88
C ASN A 344 -34.69 -65.20 -8.04
N PHE A 345 -33.61 -64.43 -8.02
CA PHE A 345 -32.63 -64.45 -9.10
C PHE A 345 -31.38 -65.22 -8.69
N ILE B 25 6.82 -0.59 -53.60
CA ILE B 25 6.88 -0.76 -52.16
C ILE B 25 8.02 -1.69 -51.80
N ASN B 26 8.44 -2.49 -52.78
CA ASN B 26 9.59 -3.37 -52.57
C ASN B 26 10.84 -2.55 -52.26
N ARG B 27 11.09 -1.48 -53.02
CA ARG B 27 12.22 -0.62 -52.74
C ARG B 27 12.06 0.06 -51.38
N VAL B 28 10.82 0.33 -50.98
CA VAL B 28 10.58 0.91 -49.65
C VAL B 28 11.00 -0.06 -48.56
N VAL B 29 10.55 -1.31 -48.66
CA VAL B 29 10.91 -2.32 -47.66
C VAL B 29 12.42 -2.53 -47.66
N GLN B 30 13.04 -2.48 -48.85
CA GLN B 30 14.49 -2.56 -48.92
C GLN B 30 15.15 -1.38 -48.20
N LEU B 31 14.55 -0.20 -48.31
CA LEU B 31 15.10 0.98 -47.64
C LEU B 31 14.96 0.86 -46.14
N LEU B 32 13.85 0.28 -45.66
CA LEU B 32 13.70 0.06 -44.22
C LEU B 32 14.65 -1.00 -43.71
N ILE B 33 14.90 -2.04 -44.51
CA ILE B 33 15.86 -3.07 -44.11
C ILE B 33 17.27 -2.50 -44.05
N ILE B 34 17.69 -1.78 -45.09
CA ILE B 34 19.03 -1.20 -45.11
C ILE B 34 19.18 -0.16 -44.01
N SER B 35 18.15 0.66 -43.79
CA SER B 35 18.25 1.68 -42.76
C SER B 35 18.29 1.07 -41.36
N TYR B 36 17.44 0.08 -41.10
CA TYR B 36 17.44 -0.55 -39.78
C TYR B 36 18.74 -1.30 -39.52
N PHE B 37 19.09 -2.25 -40.39
CA PHE B 37 20.24 -3.11 -40.11
C PHE B 37 21.56 -2.36 -40.28
N VAL B 38 21.61 -1.37 -41.17
CA VAL B 38 22.82 -0.59 -41.37
C VAL B 38 22.78 0.75 -40.63
N GLY B 39 21.61 1.17 -40.14
CA GLY B 39 21.51 2.41 -39.41
C GLY B 39 21.47 2.24 -37.91
N TRP B 40 20.31 1.83 -37.39
CA TRP B 40 20.16 1.70 -35.94
C TRP B 40 21.03 0.57 -35.38
N VAL B 41 20.97 -0.61 -36.01
CA VAL B 41 21.65 -1.76 -35.43
C VAL B 41 23.17 -1.62 -35.53
N PHE B 42 23.66 -1.15 -36.67
CA PHE B 42 25.11 -1.09 -36.86
C PHE B 42 25.73 0.20 -36.36
N LEU B 43 25.07 1.34 -36.57
CA LEU B 43 25.65 2.64 -36.23
C LEU B 43 25.23 3.12 -34.85
N HIS B 44 23.93 3.37 -34.65
CA HIS B 44 23.46 3.91 -33.39
C HIS B 44 23.81 2.98 -32.22
N GLU B 45 23.76 1.66 -32.46
CA GLU B 45 24.08 0.69 -31.42
C GLU B 45 25.56 0.32 -31.38
N LYS B 46 26.39 0.97 -32.20
CA LYS B 46 27.83 0.74 -32.19
C LYS B 46 28.16 -0.75 -32.14
N ALA B 47 27.53 -1.51 -33.03
CA ALA B 47 27.79 -2.95 -33.11
C ALA B 47 29.24 -3.23 -33.50
N TYR B 48 29.88 -2.29 -34.21
CA TYR B 48 31.29 -2.41 -34.56
C TYR B 48 32.20 -2.30 -33.35
N GLN B 49 31.64 -2.02 -32.18
CA GLN B 49 32.40 -1.72 -30.98
C GLN B 49 32.33 -2.89 -30.02
N VAL B 50 33.44 -3.16 -29.33
CA VAL B 50 33.43 -4.03 -28.17
C VAL B 50 33.09 -3.18 -26.96
N ARG B 51 32.19 -3.70 -26.12
CA ARG B 51 31.67 -2.96 -24.97
C ARG B 51 32.11 -3.64 -23.69
N ASP B 52 32.61 -2.84 -22.75
CA ASP B 52 32.94 -3.29 -21.40
C ASP B 52 31.95 -2.65 -20.45
N THR B 53 31.12 -3.49 -19.82
CA THR B 53 30.16 -3.04 -18.81
C THR B 53 30.59 -3.36 -17.39
N ALA B 54 31.66 -4.14 -17.21
CA ALA B 54 32.14 -4.52 -15.88
C ALA B 54 33.12 -3.47 -15.34
N ILE B 55 32.60 -2.25 -15.19
CA ILE B 55 33.41 -1.15 -14.69
C ILE B 55 33.87 -1.42 -13.26
N GLU B 56 35.13 -1.09 -12.98
CA GLU B 56 35.71 -1.24 -11.64
C GLU B 56 35.92 0.14 -11.03
N SER B 57 35.32 0.37 -9.86
CA SER B 57 35.32 1.68 -9.22
C SER B 57 35.87 1.60 -7.81
N SER B 58 36.43 2.72 -7.35
CA SER B 58 36.87 2.90 -5.98
C SER B 58 36.49 4.32 -5.56
N VAL B 59 36.04 4.45 -4.31
CA VAL B 59 35.58 5.74 -3.79
C VAL B 59 36.20 5.97 -2.42
N VAL B 60 36.63 7.20 -2.19
CA VAL B 60 37.09 7.65 -0.89
C VAL B 60 36.42 8.98 -0.60
N THR B 61 35.98 9.16 0.63
CA THR B 61 35.24 10.36 1.01
C THR B 61 35.90 11.03 2.20
N LYS B 62 35.69 12.34 2.29
CA LYS B 62 36.12 13.09 3.45
C LYS B 62 35.14 14.24 3.64
N VAL B 63 34.54 14.34 4.82
CA VAL B 63 33.57 15.39 5.11
C VAL B 63 34.26 16.48 5.91
N LYS B 64 33.87 17.72 5.67
CA LYS B 64 34.41 18.86 6.41
C LYS B 64 33.27 19.78 6.83
N GLY B 65 33.38 20.31 8.03
CA GLY B 65 32.40 21.22 8.58
C GLY B 65 32.36 21.13 10.09
N SER B 66 31.89 22.20 10.71
CA SER B 66 31.72 22.24 12.16
C SER B 66 30.37 22.86 12.47
N GLY B 67 29.76 22.42 13.58
CA GLY B 67 28.41 22.84 13.91
C GLY B 67 28.24 23.05 15.40
N LEU B 68 27.14 23.71 15.76
CA LEU B 68 26.75 23.92 17.14
C LEU B 68 25.56 23.01 17.46
N TYR B 69 25.75 22.13 18.44
CA TYR B 69 24.70 21.22 18.89
C TYR B 69 24.90 20.96 20.38
N ALA B 70 23.82 21.07 21.14
CA ALA B 70 23.89 20.90 22.59
C ALA B 70 24.86 21.90 23.22
N ASN B 71 24.88 23.10 22.66
CA ASN B 71 25.80 24.15 23.10
C ASN B 71 27.25 23.68 23.08
N ARG B 72 27.57 22.71 22.23
CA ARG B 72 28.95 22.28 22.03
C ARG B 72 29.24 22.20 20.55
N VAL B 73 30.51 22.42 20.18
CA VAL B 73 30.93 22.32 18.80
C VAL B 73 31.11 20.86 18.42
N MET B 74 30.73 20.53 17.20
CA MET B 74 30.82 19.18 16.67
C MET B 74 31.56 19.24 15.34
N ASP B 75 32.62 18.46 15.23
CA ASP B 75 33.42 18.39 14.00
C ASP B 75 33.29 16.99 13.40
N VAL B 76 33.99 16.78 12.29
CA VAL B 76 33.79 15.55 11.51
C VAL B 76 33.91 14.32 12.40
N SER B 77 34.86 14.33 13.34
CA SER B 77 35.02 13.20 14.24
C SER B 77 33.82 13.01 15.16
N ASP B 78 32.93 13.99 15.25
CA ASP B 78 31.76 13.92 16.12
C ASP B 78 30.50 13.44 15.39
N TYR B 79 30.25 13.93 14.17
CA TYR B 79 28.97 13.73 13.52
C TYR B 79 29.01 12.81 12.31
N VAL B 80 30.19 12.44 11.80
CA VAL B 80 30.31 11.54 10.66
C VAL B 80 30.51 10.12 11.18
N THR B 81 29.82 9.17 10.58
CA THR B 81 29.96 7.77 10.96
C THR B 81 29.45 6.83 9.87
N PRO B 82 30.22 5.76 9.60
CA PRO B 82 31.51 5.53 10.23
C PRO B 82 32.61 6.45 9.68
N PRO B 83 33.76 6.49 10.35
CA PRO B 83 34.77 7.50 10.03
C PRO B 83 35.77 7.16 8.94
N GLN B 84 35.85 5.90 8.50
CA GLN B 84 36.92 5.49 7.60
C GLN B 84 36.82 6.11 6.21
N GLY B 85 35.82 6.96 5.95
CA GLY B 85 35.75 7.63 4.66
C GLY B 85 35.48 6.70 3.49
N THR B 86 34.50 5.81 3.65
CA THR B 86 34.11 4.91 2.57
C THR B 86 33.03 5.57 1.73
N SER B 87 32.48 4.82 0.77
CA SER B 87 31.43 5.33 -0.11
C SER B 87 30.07 5.44 0.56
N VAL B 88 29.94 5.01 1.82
CA VAL B 88 28.71 5.14 2.58
C VAL B 88 29.03 5.69 3.96
N PHE B 89 28.39 6.80 4.32
CA PHE B 89 28.62 7.45 5.59
C PHE B 89 27.35 8.21 5.97
N VAL B 90 27.21 8.49 7.27
CA VAL B 90 26.08 9.24 7.78
C VAL B 90 26.60 10.54 8.37
N ILE B 91 25.88 11.63 8.11
CA ILE B 91 26.12 12.90 8.78
C ILE B 91 24.99 13.08 9.77
N ILE B 92 25.30 12.95 11.05
CA ILE B 92 24.27 13.03 12.08
C ILE B 92 23.78 14.47 12.18
N THR B 93 22.47 14.65 12.07
CA THR B 93 21.87 15.97 12.14
C THR B 93 20.98 16.17 13.37
N LYS B 94 20.72 15.14 14.14
CA LYS B 94 19.84 15.26 15.29
C LYS B 94 20.20 14.15 16.28
N MET B 95 20.05 14.44 17.56
CA MET B 95 20.44 13.48 18.59
C MET B 95 19.48 13.55 19.76
N ILE B 96 19.14 12.37 20.29
CA ILE B 96 18.47 12.24 21.58
C ILE B 96 19.47 11.55 22.49
N VAL B 97 20.05 12.30 23.41
CA VAL B 97 21.16 11.83 24.24
C VAL B 97 20.61 11.46 25.61
N THR B 98 20.94 10.25 26.06
CA THR B 98 20.56 9.75 27.37
C THR B 98 21.85 9.58 28.14
N GLU B 99 22.18 10.57 28.98
CA GLU B 99 23.48 10.65 29.62
C GLU B 99 23.60 9.65 30.77
N ASN B 100 24.79 9.08 30.91
CA ASN B 100 25.19 8.36 32.12
C ASN B 100 24.17 7.27 32.47
N GLN B 101 23.98 6.35 31.55
CA GLN B 101 23.21 5.15 31.86
C GLN B 101 24.06 4.19 32.69
N MET B 102 23.41 3.46 33.57
CA MET B 102 24.06 2.47 34.41
C MET B 102 23.17 1.24 34.53
N GLN B 103 23.79 0.08 34.66
CA GLN B 103 23.03 -1.14 34.78
C GLN B 103 22.24 -1.14 36.09
N GLY B 104 20.95 -1.41 36.01
CA GLY B 104 20.13 -1.37 37.21
C GLY B 104 18.68 -1.63 36.89
N PHE B 105 17.79 -1.14 37.77
CA PHE B 105 16.36 -1.29 37.63
C PHE B 105 15.71 0.09 37.59
N CYS B 106 14.71 0.25 36.74
CA CYS B 106 14.02 1.52 36.63
C CYS B 106 12.75 1.32 35.82
N PRO B 107 11.80 2.25 35.92
CA PRO B 107 10.57 2.14 35.13
C PRO B 107 10.79 2.63 33.72
N GLU B 108 10.03 2.05 32.79
CA GLU B 108 10.15 2.46 31.40
C GLU B 108 9.62 3.86 31.19
N SER B 109 10.23 4.55 30.23
CA SER B 109 9.87 5.94 29.97
C SER B 109 8.63 6.05 29.11
N GLU B 110 8.56 5.25 28.04
CA GLU B 110 7.48 5.40 27.08
C GLU B 110 6.13 5.03 27.70
N GLU B 111 5.10 5.79 27.34
CA GLU B 111 3.75 5.53 27.83
C GLU B 111 3.20 4.21 27.32
N LYS B 112 3.76 3.69 26.22
CA LYS B 112 3.32 2.39 25.69
C LYS B 112 3.41 1.30 26.74
N TYR B 113 4.19 1.50 27.79
CA TYR B 113 4.36 0.52 28.86
C TYR B 113 3.56 0.86 30.10
N ARG B 114 2.51 1.67 29.96
CA ARG B 114 1.73 2.08 31.13
C ARG B 114 1.26 0.86 31.89
N CYS B 115 1.47 0.87 33.20
CA CYS B 115 1.10 -0.25 34.08
C CYS B 115 0.32 0.27 35.26
N VAL B 116 -0.69 -0.50 35.67
CA VAL B 116 -1.47 -0.19 36.85
C VAL B 116 -1.43 -1.36 37.82
N SER B 117 -1.23 -2.57 37.29
CA SER B 117 -1.21 -3.79 38.09
C SER B 117 0.01 -4.61 37.76
N ASP B 118 0.67 -5.15 38.81
CA ASP B 118 1.85 -5.98 38.61
C ASP B 118 1.55 -7.20 37.73
N SER B 119 0.28 -7.55 37.56
CA SER B 119 -0.06 -8.66 36.66
C SER B 119 0.10 -8.26 35.20
N GLN B 120 -0.08 -6.98 34.88
CA GLN B 120 0.11 -6.52 33.50
C GLN B 120 1.59 -6.50 33.11
N CYS B 121 2.48 -6.49 34.11
CA CYS B 121 3.92 -6.57 33.88
C CYS B 121 4.31 -8.05 33.98
N GLY B 122 4.16 -8.74 32.86
CA GLY B 122 4.35 -10.18 32.85
C GLY B 122 5.25 -10.65 31.74
N PRO B 123 5.32 -11.97 31.54
CA PRO B 123 6.24 -12.50 30.52
C PRO B 123 5.88 -12.06 29.11
N GLU B 124 4.59 -12.05 28.77
CA GLU B 124 4.16 -11.57 27.46
C GLU B 124 4.21 -10.05 27.44
N ARG B 125 5.04 -9.48 26.55
CA ARG B 125 5.22 -8.03 26.50
C ARG B 125 6.14 -7.62 25.36
N LEU B 126 5.93 -6.41 24.85
CA LEU B 126 6.71 -5.90 23.73
C LEU B 126 8.14 -5.60 24.17
N PRO B 127 9.08 -5.56 23.21
CA PRO B 127 10.47 -5.22 23.55
C PRO B 127 10.58 -3.81 24.12
N GLY B 128 11.47 -3.65 25.11
CA GLY B 128 11.66 -2.39 25.79
C GLY B 128 13.13 -2.05 26.01
N GLY B 129 13.39 -0.99 26.77
CA GLY B 129 14.76 -0.62 27.08
C GLY B 129 15.55 -1.76 27.69
N GLY B 130 14.88 -2.63 28.45
CA GLY B 130 15.53 -3.78 29.05
C GLY B 130 14.58 -4.95 29.22
N ILE B 131 14.89 -5.85 30.15
CA ILE B 131 14.00 -6.95 30.47
C ILE B 131 12.99 -6.50 31.52
N LEU B 132 11.86 -7.19 31.58
CA LEU B 132 10.79 -6.86 32.52
C LEU B 132 10.99 -7.62 33.83
N THR B 133 10.96 -6.88 34.94
CA THR B 133 11.04 -7.50 36.26
C THR B 133 9.74 -8.16 36.69
N GLY B 134 8.64 -7.84 36.02
CA GLY B 134 7.32 -8.19 36.51
C GLY B 134 6.78 -7.26 37.55
N ARG B 135 7.63 -6.44 38.16
CA ARG B 135 7.20 -5.42 39.09
C ARG B 135 6.63 -4.22 38.32
N CYS B 136 5.97 -3.33 39.05
CA CYS B 136 5.41 -2.13 38.49
C CYS B 136 5.79 -0.95 39.37
N VAL B 137 6.24 0.14 38.75
CA VAL B 137 6.78 1.27 39.50
C VAL B 137 6.19 2.55 38.95
N ASN B 138 6.32 3.63 39.73
CA ASN B 138 5.88 4.94 39.30
C ASN B 138 7.04 5.62 38.60
N TYR B 139 6.91 5.85 37.29
CA TYR B 139 7.90 6.64 36.58
C TYR B 139 7.80 8.10 36.98
N SER B 140 6.58 8.61 37.10
CA SER B 140 6.31 9.95 37.59
C SER B 140 5.06 9.88 38.45
N SER B 141 4.74 11.02 39.08
CA SER B 141 3.52 11.09 39.88
C SER B 141 2.29 10.75 39.03
N VAL B 142 2.27 11.20 37.77
CA VAL B 142 1.09 11.00 36.93
C VAL B 142 1.02 9.57 36.38
N LEU B 143 2.17 8.97 36.07
CA LEU B 143 2.19 7.71 35.34
C LEU B 143 2.93 6.64 36.12
N ARG B 144 2.40 5.41 36.04
CA ARG B 144 3.05 4.22 36.57
C ARG B 144 3.15 3.22 35.44
N THR B 145 4.33 2.62 35.29
CA THR B 145 4.59 1.71 34.18
C THR B 145 5.32 0.48 34.71
N CYS B 146 5.62 -0.44 33.80
CA CYS B 146 6.31 -1.67 34.16
C CYS B 146 7.76 -1.39 34.47
N GLU B 147 8.28 -2.08 35.48
CA GLU B 147 9.69 -1.92 35.82
C GLU B 147 10.52 -2.84 34.92
N ILE B 148 11.74 -2.39 34.61
CA ILE B 148 12.64 -3.14 33.75
C ILE B 148 14.04 -3.09 34.35
N GLN B 149 14.82 -4.12 34.02
CA GLN B 149 16.23 -4.21 34.34
C GLN B 149 17.04 -3.97 33.07
N GLY B 150 17.97 -3.02 33.13
CA GLY B 150 18.76 -2.66 31.96
C GLY B 150 19.51 -1.37 32.20
N TRP B 151 19.74 -0.64 31.11
CA TRP B 151 20.46 0.62 31.19
C TRP B 151 19.51 1.72 31.66
N CYS B 152 19.82 2.31 32.81
CA CYS B 152 18.93 3.26 33.47
C CYS B 152 19.60 4.62 33.59
N PRO B 153 18.80 5.69 33.48
CA PRO B 153 17.37 5.55 33.25
C PRO B 153 17.07 5.21 31.80
N THR B 154 15.84 4.82 31.49
CA THR B 154 15.53 4.52 30.11
C THR B 154 15.57 5.79 29.28
N GLU B 155 15.78 5.61 27.98
CA GLU B 155 15.80 6.75 27.07
C GLU B 155 14.41 7.37 26.99
N VAL B 156 14.38 8.70 26.90
CA VAL B 156 13.13 9.45 26.76
C VAL B 156 13.13 10.04 25.36
N ASP B 157 12.14 9.64 24.57
CA ASP B 157 12.07 10.01 23.17
C ASP B 157 11.03 11.08 22.90
N THR B 158 10.31 11.51 23.94
CA THR B 158 9.24 12.49 23.83
C THR B 158 9.72 13.90 24.14
N VAL B 159 10.96 14.21 23.77
CA VAL B 159 11.54 15.54 23.98
C VAL B 159 11.96 16.08 22.63
N GLU B 160 11.43 17.25 22.27
CA GLU B 160 11.80 17.88 21.01
C GLU B 160 13.27 18.30 21.05
N THR B 161 14.06 17.79 20.12
CA THR B 161 15.46 18.18 20.02
C THR B 161 15.70 18.95 18.73
N PRO B 162 16.66 19.87 18.74
CA PRO B 162 16.92 20.67 17.53
C PRO B 162 17.68 19.86 16.49
N ILE B 163 17.69 20.38 15.28
CA ILE B 163 18.53 19.83 14.22
C ILE B 163 19.73 20.76 14.08
N MET B 164 20.83 20.20 13.57
CA MET B 164 22.06 20.97 13.36
C MET B 164 22.00 21.61 11.98
N MET B 165 21.48 22.84 11.93
CA MET B 165 21.29 23.51 10.64
C MET B 165 22.62 23.65 9.90
N GLU B 166 23.70 23.92 10.62
CA GLU B 166 24.99 24.13 9.97
C GLU B 166 25.37 23.00 9.04
N ALA B 167 24.84 21.79 9.29
CA ALA B 167 25.16 20.65 8.44
C ALA B 167 24.86 20.95 6.97
N GLU B 168 23.90 21.83 6.70
CA GLU B 168 23.55 22.16 5.32
C GLU B 168 24.74 22.70 4.54
N ASN B 169 25.71 23.29 5.23
CA ASN B 169 26.86 23.92 4.58
C ASN B 169 28.11 23.04 4.62
N PHE B 170 28.06 21.89 5.28
CA PHE B 170 29.18 20.96 5.26
C PHE B 170 29.51 20.55 3.83
N THR B 171 30.73 20.05 3.63
CA THR B 171 31.18 19.62 2.31
C THR B 171 31.58 18.15 2.32
N ILE B 172 31.29 17.47 1.20
CA ILE B 172 31.66 16.08 0.98
C ILE B 172 32.65 16.05 -0.18
N PHE B 173 33.85 15.54 0.10
CA PHE B 173 34.89 15.38 -0.91
C PHE B 173 34.91 13.91 -1.35
N ILE B 174 34.72 13.68 -2.65
CA ILE B 174 34.64 12.35 -3.24
C ILE B 174 35.79 12.19 -4.21
N LYS B 175 36.74 11.32 -3.88
CA LYS B 175 37.80 10.91 -4.82
C LYS B 175 37.43 9.54 -5.37
N ASN B 176 37.02 9.50 -6.63
CA ASN B 176 36.56 8.29 -7.30
C ASN B 176 37.50 7.93 -8.44
N SER B 177 38.06 6.72 -8.39
CA SER B 177 38.90 6.18 -9.45
C SER B 177 38.09 5.10 -10.17
N ILE B 178 38.12 5.13 -11.50
CA ILE B 178 37.41 4.12 -12.28
C ILE B 178 38.34 3.55 -13.34
N ARG B 179 38.04 2.32 -13.75
CA ARG B 179 38.83 1.58 -14.72
C ARG B 179 37.93 0.62 -15.48
N PHE B 180 37.98 0.69 -16.80
CA PHE B 180 37.43 -0.34 -17.66
C PHE B 180 38.54 -1.36 -17.95
N PRO B 181 38.48 -2.56 -17.38
CA PRO B 181 39.63 -3.48 -17.50
C PRO B 181 39.81 -4.07 -18.88
N LEU B 182 38.72 -4.30 -19.62
CA LEU B 182 38.83 -4.85 -20.97
C LEU B 182 39.79 -4.02 -21.81
N PHE B 183 39.72 -2.70 -21.70
CA PHE B 183 40.56 -1.81 -22.48
C PHE B 183 41.74 -1.27 -21.69
N ASN B 184 41.97 -1.81 -20.49
CA ASN B 184 43.04 -1.35 -19.61
C ASN B 184 43.02 0.19 -19.51
N PHE B 185 41.84 0.73 -19.27
CA PHE B 185 41.64 2.18 -19.26
C PHE B 185 41.34 2.64 -17.84
N GLU B 186 42.12 3.62 -17.37
CA GLU B 186 41.97 4.13 -16.01
C GLU B 186 41.83 5.64 -16.06
N LYS B 187 40.80 6.15 -15.40
CA LYS B 187 40.60 7.59 -15.27
C LYS B 187 39.98 7.86 -13.91
N GLY B 188 40.00 9.11 -13.49
CA GLY B 188 39.53 9.44 -12.17
C GLY B 188 38.73 10.74 -12.16
N ASN B 189 37.91 10.86 -11.13
CA ASN B 189 37.07 12.04 -10.97
C ASN B 189 37.86 13.30 -10.64
N LEU B 190 39.14 13.15 -10.29
CA LEU B 190 40.04 14.30 -10.13
C LEU B 190 40.69 14.53 -11.49
N LEU B 191 40.18 15.50 -12.24
CA LEU B 191 40.63 15.73 -13.61
C LEU B 191 42.00 16.41 -13.67
N PRO B 192 42.70 16.29 -14.82
CA PRO B 192 44.03 16.90 -14.93
C PRO B 192 44.01 18.41 -14.82
N ASN B 193 42.90 19.06 -15.14
CA ASN B 193 42.81 20.50 -14.96
C ASN B 193 42.23 20.89 -13.61
N LEU B 194 42.07 19.94 -12.68
CA LEU B 194 41.76 20.28 -11.31
C LEU B 194 43.04 20.72 -10.62
N THR B 195 43.01 21.88 -9.97
CA THR B 195 44.20 22.46 -9.38
C THR B 195 43.93 22.81 -7.92
N ALA B 196 45.03 23.03 -7.18
CA ALA B 196 44.89 23.42 -5.78
C ALA B 196 44.11 24.72 -5.67
N ARG B 197 44.31 25.63 -6.62
CA ARG B 197 43.51 26.85 -6.69
C ARG B 197 42.03 26.52 -6.71
N ASP B 198 41.64 25.59 -7.60
CA ASP B 198 40.24 25.17 -7.66
C ASP B 198 39.78 24.60 -6.33
N MET B 199 40.55 23.66 -5.79
CA MET B 199 40.18 23.02 -4.53
C MET B 199 39.98 24.03 -3.41
N LYS B 200 40.69 25.16 -3.44
CA LYS B 200 40.59 26.08 -2.32
C LYS B 200 39.19 26.69 -2.19
N THR B 201 38.41 26.74 -3.27
CA THR B 201 37.14 27.47 -3.19
C THR B 201 35.99 26.88 -3.98
N CYS B 202 36.22 25.85 -4.82
CA CYS B 202 35.14 25.42 -5.68
C CYS B 202 34.09 24.61 -4.91
N ARG B 203 32.87 24.63 -5.46
CA ARG B 203 31.78 23.78 -5.02
C ARG B 203 31.10 23.21 -6.27
N PHE B 204 30.72 21.94 -6.20
CA PHE B 204 30.08 21.30 -7.35
C PHE B 204 28.79 22.03 -7.71
N HIS B 205 28.56 22.17 -9.01
CA HIS B 205 27.30 22.66 -9.52
C HIS B 205 27.12 21.98 -10.87
N PRO B 206 25.94 21.43 -11.15
CA PRO B 206 25.78 20.68 -12.40
C PRO B 206 26.08 21.50 -13.64
N ASP B 207 25.66 22.77 -13.65
CA ASP B 207 25.91 23.66 -14.78
C ASP B 207 27.17 24.50 -14.61
N LYS B 208 27.33 25.13 -13.46
CA LYS B 208 28.39 26.13 -13.32
C LYS B 208 29.76 25.49 -13.19
N ASP B 209 29.88 24.41 -12.41
CA ASP B 209 31.17 23.77 -12.14
C ASP B 209 30.95 22.27 -11.98
N PRO B 210 30.94 21.53 -13.09
CA PRO B 210 30.59 20.09 -13.00
C PRO B 210 31.70 19.18 -12.49
N PHE B 211 32.96 19.61 -12.46
CA PHE B 211 34.06 18.70 -12.15
C PHE B 211 34.74 19.00 -10.81
N CYS B 212 34.08 19.74 -9.93
CA CYS B 212 34.62 20.00 -8.59
C CYS B 212 34.27 18.87 -7.63
N PRO B 213 35.25 18.22 -7.00
CA PRO B 213 34.97 17.07 -6.12
C PRO B 213 34.37 17.47 -4.78
N ILE B 214 34.15 18.74 -4.52
CA ILE B 214 33.62 19.22 -3.25
C ILE B 214 32.14 19.52 -3.44
N LEU B 215 31.29 18.86 -2.66
CA LEU B 215 29.85 19.03 -2.77
C LEU B 215 29.27 19.61 -1.49
N ARG B 216 28.47 20.66 -1.62
CA ARG B 216 27.77 21.23 -0.47
C ARG B 216 26.60 20.35 -0.11
N VAL B 217 26.53 19.95 1.17
CA VAL B 217 25.47 19.05 1.61
C VAL B 217 24.11 19.59 1.19
N GLY B 218 23.85 20.87 1.48
CA GLY B 218 22.60 21.47 1.09
C GLY B 218 22.34 21.35 -0.40
N ASP B 219 23.40 21.51 -1.21
CA ASP B 219 23.26 21.35 -2.65
C ASP B 219 22.79 19.94 -3.01
N VAL B 220 23.41 18.93 -2.41
CA VAL B 220 23.01 17.56 -2.69
C VAL B 220 21.56 17.33 -2.27
N VAL B 221 21.17 17.86 -1.12
CA VAL B 221 19.79 17.68 -0.66
C VAL B 221 18.81 18.32 -1.65
N LYS B 222 19.11 19.54 -2.10
CA LYS B 222 18.27 20.17 -3.12
C LYS B 222 18.21 19.32 -4.38
N PHE B 223 19.38 18.93 -4.91
CA PHE B 223 19.44 18.14 -6.14
C PHE B 223 18.61 16.88 -6.02
N ALA B 224 18.56 16.29 -4.83
CA ALA B 224 17.73 15.12 -4.59
C ALA B 224 16.25 15.46 -4.46
N GLY B 225 15.89 16.75 -4.57
CA GLY B 225 14.50 17.13 -4.45
C GLY B 225 13.96 17.07 -3.05
N GLN B 226 14.80 17.36 -2.05
CA GLN B 226 14.42 17.23 -0.65
C GLN B 226 14.53 18.56 0.07
N ASP B 227 13.73 18.70 1.12
CA ASP B 227 13.78 19.89 1.97
C ASP B 227 14.68 19.58 3.16
N PHE B 228 15.77 20.34 3.28
CA PHE B 228 16.78 20.01 4.29
C PHE B 228 16.17 19.99 5.69
N ALA B 229 15.24 20.90 5.99
CA ALA B 229 14.66 20.92 7.32
C ALA B 229 13.96 19.59 7.62
N LYS B 230 13.06 19.18 6.73
CA LYS B 230 12.35 17.93 6.95
C LYS B 230 13.32 16.75 6.98
N LEU B 231 14.23 16.69 6.00
CA LEU B 231 15.11 15.53 5.89
C LEU B 231 16.02 15.41 7.12
N ALA B 232 16.60 16.52 7.55
CA ALA B 232 17.43 16.53 8.75
C ALA B 232 16.63 16.26 10.01
N ARG B 233 15.33 16.54 10.01
CA ARG B 233 14.55 16.22 11.19
C ARG B 233 14.17 14.73 11.22
N THR B 234 13.84 14.16 10.08
CA THR B 234 13.41 12.77 10.00
C THR B 234 14.56 11.79 9.79
N GLY B 235 15.66 12.24 9.19
CA GLY B 235 16.68 11.33 8.74
C GLY B 235 16.34 10.78 7.37
N GLY B 236 17.36 10.44 6.58
CA GLY B 236 17.09 9.92 5.25
C GLY B 236 18.36 9.40 4.63
N VAL B 237 18.19 8.79 3.45
CA VAL B 237 19.29 8.22 2.68
C VAL B 237 19.30 8.88 1.31
N LEU B 238 20.39 9.58 1.01
CA LEU B 238 20.58 10.20 -0.30
C LEU B 238 21.64 9.45 -1.08
N GLY B 239 21.41 9.32 -2.39
CA GLY B 239 22.34 8.68 -3.29
C GLY B 239 22.99 9.70 -4.23
N ILE B 240 24.31 9.65 -4.27
CA ILE B 240 25.14 10.43 -5.19
C ILE B 240 25.69 9.45 -6.23
N LYS B 241 25.10 9.46 -7.43
CA LYS B 241 25.48 8.56 -8.51
C LYS B 241 26.53 9.23 -9.38
N ILE B 242 27.59 8.50 -9.70
CA ILE B 242 28.65 8.98 -10.58
C ILE B 242 28.70 8.05 -11.79
N GLY B 243 28.37 8.59 -12.96
CA GLY B 243 28.28 7.79 -14.17
C GLY B 243 29.41 8.04 -15.16
N TRP B 244 30.09 6.96 -15.54
CA TRP B 244 31.17 6.99 -16.53
C TRP B 244 30.73 6.27 -17.79
N VAL B 245 30.06 7.00 -18.69
CA VAL B 245 29.68 6.50 -20.00
C VAL B 245 30.64 7.08 -21.02
N CYS B 246 31.58 6.26 -21.49
CA CYS B 246 32.71 6.75 -22.26
C CYS B 246 32.81 6.05 -23.61
N ASP B 247 32.91 6.84 -24.68
CA ASP B 247 33.17 6.34 -26.03
C ASP B 247 34.67 6.50 -26.29
N LEU B 248 35.43 5.44 -26.00
CA LEU B 248 36.88 5.52 -26.10
C LEU B 248 37.38 5.76 -27.52
N ASP B 249 36.52 5.63 -28.53
CA ASP B 249 36.89 6.08 -29.87
C ASP B 249 37.09 7.59 -29.91
N LYS B 250 36.21 8.32 -29.23
CA LYS B 250 36.31 9.77 -29.17
C LYS B 250 37.48 10.16 -28.25
N ALA B 251 37.63 11.47 -28.01
CA ALA B 251 38.76 11.96 -27.25
C ALA B 251 38.71 11.44 -25.81
N TRP B 252 39.88 11.10 -25.28
CA TRP B 252 39.94 10.55 -23.93
C TRP B 252 39.66 11.60 -22.86
N ASP B 253 39.76 12.88 -23.19
CA ASP B 253 39.23 13.90 -22.30
C ASP B 253 37.72 14.00 -22.39
N GLN B 254 37.10 13.28 -23.33
CA GLN B 254 35.65 13.21 -23.42
C GLN B 254 35.07 12.22 -22.42
N CYS B 255 35.90 11.33 -21.88
CA CYS B 255 35.49 10.36 -20.87
C CYS B 255 35.43 11.08 -19.52
N ILE B 256 34.23 11.53 -19.13
CA ILE B 256 34.09 12.36 -17.95
C ILE B 256 32.97 11.82 -17.07
N PRO B 257 33.00 12.13 -15.77
CA PRO B 257 31.96 11.68 -14.86
C PRO B 257 30.73 12.60 -14.87
N LYS B 258 29.55 11.98 -14.81
CA LYS B 258 28.27 12.66 -14.74
C LYS B 258 27.64 12.45 -13.36
N TYR B 259 27.39 13.53 -12.63
CA TYR B 259 26.87 13.44 -11.27
C TYR B 259 25.34 13.53 -11.27
N SER B 260 24.70 12.61 -10.56
CA SER B 260 23.25 12.58 -10.38
C SER B 260 22.93 12.41 -8.91
N PHE B 261 21.76 12.89 -8.49
CA PHE B 261 21.39 12.87 -7.08
C PHE B 261 19.94 12.42 -6.90
N THR B 262 19.70 11.65 -5.84
CA THR B 262 18.34 11.19 -5.56
C THR B 262 18.24 10.84 -4.08
N ARG B 263 17.01 10.51 -3.66
CA ARG B 263 16.76 9.97 -2.33
C ARG B 263 16.47 8.48 -2.47
N LEU B 264 17.26 7.66 -1.77
CA LEU B 264 17.15 6.22 -1.95
C LEU B 264 16.04 5.61 -1.11
N ASP B 265 15.80 6.14 0.10
CA ASP B 265 14.71 5.66 0.94
C ASP B 265 13.37 6.32 0.58
N SER B 266 12.96 6.08 -0.68
CA SER B 266 11.71 6.67 -1.19
C SER B 266 10.48 6.11 -0.46
N VAL B 267 10.55 4.86 0.00
CA VAL B 267 9.44 4.31 0.76
C VAL B 267 9.13 5.22 1.93
N SER B 268 10.18 5.75 2.58
CA SER B 268 9.99 6.61 3.73
C SER B 268 8.98 7.70 3.42
N GLU B 269 9.05 8.26 2.21
CA GLU B 269 8.11 9.28 1.79
C GLU B 269 6.76 8.69 1.41
N LYS B 270 6.74 7.47 0.85
CA LYS B 270 5.45 6.89 0.47
C LYS B 270 4.78 6.10 1.59
N SER B 271 5.46 5.88 2.71
CA SER B 271 4.93 5.06 3.80
C SER B 271 4.96 5.85 5.11
N SER B 272 3.92 5.64 5.93
CA SER B 272 3.84 6.28 7.23
C SER B 272 4.58 5.53 8.33
N VAL B 273 4.87 4.24 8.12
CA VAL B 273 5.42 3.41 9.19
C VAL B 273 6.83 3.85 9.57
N SER B 274 7.68 4.11 8.59
CA SER B 274 9.06 4.52 8.85
C SER B 274 9.38 5.72 7.98
N PRO B 275 9.51 6.91 8.57
CA PRO B 275 9.53 8.15 7.76
C PRO B 275 10.93 8.67 7.46
N GLY B 276 11.96 8.14 8.11
CA GLY B 276 13.30 8.66 7.99
C GLY B 276 14.36 7.60 8.22
N TYR B 277 15.48 8.02 8.80
CA TYR B 277 16.61 7.14 9.04
C TYR B 277 17.26 7.53 10.35
N ASN B 278 17.32 6.59 11.29
CA ASN B 278 18.01 6.83 12.56
C ASN B 278 18.48 5.50 13.12
N PHE B 279 19.38 5.59 14.09
CA PHE B 279 19.96 4.40 14.70
C PHE B 279 20.47 4.79 16.09
N ARG B 280 20.71 3.80 16.92
CA ARG B 280 21.17 4.04 18.28
C ARG B 280 22.55 3.43 18.49
N PHE B 281 23.42 4.19 19.15
CA PHE B 281 24.72 3.68 19.55
C PHE B 281 25.09 4.34 20.86
N ALA B 282 26.12 3.81 21.52
CA ALA B 282 26.49 4.26 22.85
C ALA B 282 27.97 4.59 22.91
N LYS B 283 28.30 5.53 23.81
CA LYS B 283 29.68 5.82 24.16
C LYS B 283 29.93 5.25 25.55
N TYR B 284 30.94 4.39 25.67
CA TYR B 284 31.15 3.61 26.88
C TYR B 284 32.28 4.19 27.73
N TYR B 285 32.03 4.28 29.04
CA TYR B 285 32.94 4.88 29.99
C TYR B 285 33.02 3.99 31.23
N LYS B 286 34.07 4.22 32.02
CA LYS B 286 34.23 3.58 33.32
C LYS B 286 34.61 4.64 34.35
N MET B 287 34.16 4.43 35.59
CA MET B 287 34.57 5.24 36.71
C MET B 287 35.88 4.74 37.30
N GLU B 288 36.50 5.58 38.12
CA GLU B 288 37.65 5.14 38.90
C GLU B 288 37.31 3.95 39.77
N ASN B 289 36.13 3.95 40.42
CA ASN B 289 35.71 2.77 41.16
C ASN B 289 35.69 1.54 40.25
N GLY B 290 35.53 1.73 38.94
CA GLY B 290 35.52 0.65 37.99
C GLY B 290 34.16 0.25 37.46
N SER B 291 33.10 0.98 37.81
CA SER B 291 31.77 0.66 37.32
C SER B 291 31.57 1.20 35.91
N GLU B 292 30.83 0.45 35.10
CA GLU B 292 30.55 0.84 33.73
C GLU B 292 29.39 1.82 33.67
N TYR B 293 29.53 2.85 32.84
CA TYR B 293 28.39 3.71 32.52
C TYR B 293 28.55 4.20 31.10
N ARG B 294 27.42 4.46 30.44
CA ARG B 294 27.44 4.79 29.02
C ARG B 294 26.51 5.96 28.75
N THR B 295 26.76 6.64 27.64
CA THR B 295 25.86 7.65 27.11
C THR B 295 25.18 7.08 25.88
N LEU B 296 23.86 6.95 25.94
CA LEU B 296 23.09 6.45 24.82
C LEU B 296 22.80 7.58 23.84
N LEU B 297 22.78 7.25 22.56
CA LEU B 297 22.55 8.23 21.51
C LEU B 297 21.58 7.65 20.50
N LYS B 298 20.45 8.35 20.29
CA LYS B 298 19.59 8.09 19.14
C LYS B 298 19.94 9.15 18.10
N ALA B 299 20.58 8.71 17.02
CA ALA B 299 21.12 9.57 15.99
C ALA B 299 20.19 9.57 14.78
N PHE B 300 19.76 10.76 14.39
CA PHE B 300 19.10 11.02 13.12
C PHE B 300 20.08 11.72 12.20
N GLY B 301 20.15 11.27 10.95
CA GLY B 301 21.08 11.88 10.03
C GLY B 301 20.75 11.56 8.59
N ILE B 302 21.53 12.17 7.70
CA ILE B 302 21.44 11.91 6.27
C ILE B 302 22.54 10.94 5.91
N ARG B 303 22.16 9.77 5.38
CA ARG B 303 23.14 8.80 4.93
C ARG B 303 23.39 9.01 3.44
N PHE B 304 24.67 9.05 3.07
CA PHE B 304 25.08 9.30 1.70
C PHE B 304 25.70 8.03 1.12
N ASP B 305 25.15 7.56 0.01
CA ASP B 305 25.66 6.42 -0.72
C ASP B 305 26.21 6.92 -2.05
N VAL B 306 27.51 6.77 -2.25
CA VAL B 306 28.17 7.16 -3.49
C VAL B 306 28.13 5.96 -4.44
N LEU B 307 27.33 6.07 -5.49
CA LEU B 307 27.07 4.97 -6.42
C LEU B 307 27.72 5.28 -7.76
N VAL B 308 28.61 4.39 -8.21
CA VAL B 308 29.36 4.56 -9.45
C VAL B 308 28.88 3.52 -10.45
N TYR B 309 28.52 3.98 -11.65
CA TYR B 309 28.11 3.11 -12.75
C TYR B 309 28.78 3.58 -14.02
N GLY B 310 28.84 2.69 -15.01
CA GLY B 310 29.40 3.08 -16.29
C GLY B 310 29.55 1.95 -17.29
N ASN B 311 29.66 2.30 -18.57
CA ASN B 311 30.02 1.36 -19.61
C ASN B 311 30.86 2.08 -20.64
N ALA B 312 31.78 1.34 -21.27
CA ALA B 312 32.69 1.90 -22.25
C ALA B 312 32.64 1.09 -23.53
N GLY B 313 32.99 1.73 -24.64
CA GLY B 313 33.05 1.05 -25.92
C GLY B 313 34.24 1.47 -26.75
N LYS B 314 34.89 0.51 -27.41
CA LYS B 314 36.03 0.81 -28.28
C LYS B 314 35.93 0.02 -29.58
N PHE B 315 36.34 0.65 -30.67
CA PHE B 315 36.32 0.00 -31.97
C PHE B 315 37.34 -1.14 -32.02
N ASN B 316 36.86 -2.36 -32.21
CA ASN B 316 37.69 -3.50 -32.54
C ASN B 316 37.26 -4.03 -33.90
N ILE B 317 38.25 -4.38 -34.73
CA ILE B 317 37.97 -4.74 -36.12
C ILE B 317 37.06 -5.96 -36.19
N ILE B 318 37.24 -6.91 -35.28
CA ILE B 318 36.54 -8.19 -35.27
C ILE B 318 35.03 -7.97 -35.24
N PRO B 319 34.48 -7.31 -34.22
CA PRO B 319 33.03 -7.08 -34.19
C PRO B 319 32.54 -6.27 -35.37
N THR B 320 33.41 -5.49 -36.00
CA THR B 320 33.01 -4.78 -37.22
C THR B 320 32.83 -5.77 -38.38
N ILE B 321 33.73 -6.75 -38.48
CA ILE B 321 33.60 -7.77 -39.52
C ILE B 321 32.35 -8.61 -39.28
N ILE B 322 32.22 -9.19 -38.08
CA ILE B 322 31.08 -10.07 -37.81
C ILE B 322 29.77 -9.29 -37.90
N SER B 323 29.74 -8.08 -37.36
CA SER B 323 28.50 -7.29 -37.37
C SER B 323 28.14 -6.88 -38.79
N SER B 324 29.13 -6.48 -39.59
CA SER B 324 28.85 -6.06 -40.96
C SER B 324 28.40 -7.25 -41.82
N VAL B 325 29.04 -8.41 -41.64
CA VAL B 325 28.60 -9.61 -42.37
C VAL B 325 27.17 -9.97 -41.99
N ALA B 326 26.86 -9.94 -40.69
CA ALA B 326 25.48 -10.19 -40.27
C ALA B 326 24.53 -9.14 -40.84
N ALA B 327 25.02 -7.91 -41.04
CA ALA B 327 24.18 -6.87 -41.64
C ALA B 327 23.91 -7.15 -43.11
N PHE B 328 24.91 -7.63 -43.85
CA PHE B 328 24.71 -7.95 -45.26
C PHE B 328 23.80 -9.16 -45.42
N THR B 329 24.02 -10.20 -44.62
CA THR B 329 23.11 -11.34 -44.65
C THR B 329 21.70 -10.93 -44.25
N SER B 330 21.56 -9.97 -43.34
CA SER B 330 20.24 -9.56 -42.87
C SER B 330 19.51 -8.75 -43.95
N VAL B 331 20.20 -7.79 -44.57
CA VAL B 331 19.57 -7.02 -45.64
C VAL B 331 19.26 -7.91 -46.83
N GLY B 332 20.14 -8.86 -47.13
CA GLY B 332 19.89 -9.78 -48.23
C GLY B 332 18.69 -10.67 -47.98
N VAL B 333 18.65 -11.31 -46.81
CA VAL B 333 17.50 -12.15 -46.47
C VAL B 333 16.22 -11.32 -46.43
N GLY B 334 16.33 -10.07 -45.97
CA GLY B 334 15.15 -9.22 -45.92
C GLY B 334 14.60 -8.91 -47.30
N THR B 335 15.46 -8.40 -48.20
CA THR B 335 15.02 -8.11 -49.56
C THR B 335 14.54 -9.38 -50.27
N VAL B 336 15.12 -10.52 -49.93
CA VAL B 336 14.69 -11.78 -50.53
C VAL B 336 13.29 -12.16 -50.07
N LEU B 337 13.03 -12.08 -48.75
CA LEU B 337 11.72 -12.44 -48.23
C LEU B 337 10.64 -11.48 -48.70
N CYS B 338 10.95 -10.17 -48.70
CA CYS B 338 9.99 -9.20 -49.22
C CYS B 338 9.78 -9.38 -50.72
N ASP B 339 10.82 -9.79 -51.45
CA ASP B 339 10.68 -10.08 -52.87
C ASP B 339 9.78 -11.30 -53.09
N ILE B 340 9.88 -12.31 -52.22
CA ILE B 340 9.03 -13.49 -52.34
C ILE B 340 7.58 -13.13 -52.05
N ILE B 341 7.33 -12.46 -50.91
CA ILE B 341 5.96 -12.07 -50.58
C ILE B 341 5.39 -11.12 -51.62
N LEU B 342 6.24 -10.29 -52.25
CA LEU B 342 5.76 -9.39 -53.30
C LEU B 342 5.46 -10.13 -54.59
N LEU B 343 6.24 -11.17 -54.90
CA LEU B 343 6.02 -11.94 -56.13
C LEU B 343 4.69 -12.68 -56.10
N ASN B 344 4.36 -13.30 -54.97
CA ASN B 344 3.15 -14.11 -54.86
C ASN B 344 1.89 -13.24 -54.87
C1 NAG C . -2.46 3.11 5.05
C2 NAG C . -1.75 3.84 3.91
C3 NAG C . -0.26 3.52 3.92
C4 NAG C . 0.35 3.78 5.29
C5 NAG C . -0.46 3.06 6.37
C6 NAG C . -0.02 3.40 7.78
C7 NAG C . -2.86 4.40 1.80
C8 NAG C . -3.43 3.86 0.52
N2 NAG C . -2.35 3.50 2.63
O3 NAG C . 0.41 4.34 2.95
O4 NAG C . 1.69 3.30 5.33
O5 NAG C . -1.84 3.44 6.28
O6 NAG C . -0.70 2.63 8.75
O7 NAG C . -2.87 5.60 2.05
H1 NAG C . -2.38 2.15 4.89
H2 NAG C . -1.86 4.80 4.05
H3 NAG C . -0.13 2.59 3.69
H4 NAG C . 0.35 4.73 5.48
H5 NAG C . -0.39 2.09 6.24
H61 NAG C . -0.19 4.34 7.94
H62 NAG C . 0.95 3.23 7.85
H81 NAG C . -4.15 3.23 0.72
H82 NAG C . -3.78 4.60 -0.02
H83 NAG C . -2.74 3.41 0.02
HN2 NAG C . -2.36 2.62 2.39
HO3 NAG C . 0.63 5.11 3.32
HO4 NAG C . 2.09 3.60 6.06
HO6 NAG C . -0.39 2.82 9.56
C1 NAG D . -11.39 -15.10 25.66
C2 NAG D . -10.02 -15.75 25.70
C3 NAG D . -9.89 -16.76 24.57
C4 NAG D . -11.04 -17.75 24.61
C5 NAG D . -12.37 -17.02 24.64
C6 NAG D . -13.55 -17.95 24.84
C7 NAG D . -8.28 -14.32 26.69
C8 NAG D . -7.23 -13.30 26.44
N2 NAG D . -8.96 -14.75 25.63
O3 NAG D . -8.64 -17.44 24.68
O4 NAG D . -11.00 -18.59 23.46
O5 NAG D . -12.41 -16.09 25.73
O6 NAG D . -13.30 -19.25 24.30
O7 NAG D . -8.50 -14.75 27.82
H1 NAG D . -11.49 -14.60 24.82
H2 NAG D . -9.93 -16.22 26.55
H3 NAG D . -9.91 -16.28 23.72
H4 NAG D . -10.95 -18.30 25.41
H5 NAG D . -12.50 -16.53 23.80
H61 NAG D . -14.34 -17.57 24.40
H62 NAG D . -13.74 -18.04 25.80
H81 NAG D . -6.56 -13.65 25.82
H82 NAG D . -6.79 -13.05 27.28
H83 NAG D . -7.64 -12.50 26.05
HN2 NAG D . -8.75 -14.40 24.82
HO3 NAG D . -8.49 -17.90 23.94
HO4 NAG D . -10.32 -19.17 23.54
HO6 NAG D . -13.26 -19.19 23.42
C1 NAG E . -32.53 36.02 -4.46
C2 NAG E . -33.76 36.58 -5.17
C3 NAG E . -33.69 36.25 -6.66
C4 NAG E . -32.36 36.67 -7.26
C5 NAG E . -31.19 36.14 -6.43
C6 NAG E . -29.85 36.68 -6.86
C7 NAG E . -36.16 36.71 -4.67
C8 NAG E . -37.33 36.03 -4.02
N2 NAG E . -34.98 36.07 -4.59
O3 NAG E . -34.75 36.90 -7.35
O4 NAG E . -32.23 36.17 -8.58
O5 NAG E . -31.36 36.53 -5.06
O6 NAG E . -29.15 37.25 -5.76
O7 NAG E . -36.27 37.79 -5.25
H1 NAG E . -32.53 35.05 -4.54
H2 NAG E . -33.75 37.56 -5.07
H3 NAG E . -33.79 35.29 -6.77
H4 NAG E . -32.31 37.65 -7.28
H5 NAG E . -31.18 35.17 -6.48
H61 NAG E . -29.98 37.36 -7.54
H62 NAG E . -29.32 35.95 -7.23
H81 NAG E . -38.12 36.57 -4.15
H82 NAG E . -37.14 35.92 -3.07
H83 NAG E . -37.45 35.15 -4.43
HN2 NAG E . -34.95 35.28 -4.15
HO3 NAG E . -34.89 36.50 -8.13
HO4 NAG E . -32.32 35.29 -8.57
HO6 NAG E . -29.50 36.96 -5.01
OAI 6AT F . -24.59 9.12 -15.36
PBE 6AT F . -25.85 8.33 -15.56
OAH 6AT F . -26.86 8.71 -14.52
OAC 6AT F . -26.41 8.60 -16.94
OAS 6AT F . -25.51 6.71 -15.41
PBG 6AT F . -23.98 6.14 -15.43
OAK 6AT F . -23.31 6.43 -14.11
OAE 6AT F . -23.20 6.79 -16.57
OAT 6AT F . -24.05 4.46 -15.65
PBF 6AT F . -25.15 3.50 -14.79
OAJ 6AT F . -25.64 4.26 -13.61
OAD 6AT F . -24.47 2.22 -14.35
O5' 6AT F . -26.42 3.14 -15.76
C5' 6AT F . -26.13 2.47 -16.98
C4' 6AT F . -26.69 3.22 -18.14
O4' 6AT F . -28.33 3.21 -18.08
C3' 6AT F . -26.30 4.51 -18.13
O3' 6AT F . -25.98 4.96 -19.53
C2' 6AT F . -27.49 5.31 -17.58
O2' 6AT F . -27.59 6.51 -18.17
C1' 6AT F . -28.75 4.43 -17.94
N9 6AT F . -29.76 4.47 -16.85
C8 6AT F . -29.56 4.28 -15.54
N7 6AT F . -30.74 4.41 -14.92
C5 6AT F . -31.66 4.68 -15.84
C4 6AT F . -31.04 4.71 -17.04
N3 6AT F . -31.82 5.00 -18.29
C2 6AT F . -33.26 5.22 -18.22
S2 6AT F . -34.14 5.55 -19.75
CAA 6AT F . -32.89 5.63 -21.06
N1 6AT F . -33.94 5.20 -16.94
C6 6AT F . -33.19 4.93 -15.76
N6 6AT F . -33.87 4.89 -14.45
H5 6AT F . -25.18 2.38 -17.07
H6 6AT F . -26.53 1.59 -16.94
H7 6AT F . -26.39 2.82 -18.97
H8 6AT F . -25.53 4.62 -17.56
H9 6AT F . -25.81 5.79 -19.53
H10 6AT F . -27.40 5.40 -16.62
H11 6AT F . -26.81 6.86 -18.22
H12 6AT F . -29.15 4.74 -18.76
H13 6AT F . -28.74 4.10 -15.13
H14 6AT F . -32.17 6.22 -20.79
H15 6AT F . -33.29 5.97 -21.88
H16 6AT F . -32.53 4.75 -21.22
H17 6AT F . -33.83 4.18 -13.97
H18 6AT F . -34.29 5.58 -14.16
NA NA G . -23.41 10.22 -17.68
C TRS H . -27.94 7.24 -21.92
C1 TRS H . -26.43 7.10 -22.07
C2 TRS H . -28.26 8.47 -21.06
C3 TRS H . -28.52 5.97 -21.30
N TRS H . -28.57 7.42 -23.23
O1 TRS H . -25.90 7.70 -23.23
O2 TRS H . -29.61 8.42 -20.63
O3 TRS H . -28.30 4.87 -22.16
H11 TRS H . -25.94 7.54 -21.20
H12 TRS H . -26.17 6.04 -22.08
H21 TRS H . -28.09 9.37 -21.64
H22 TRS H . -27.60 8.48 -20.19
H31 TRS H . -28.05 5.78 -20.34
H32 TRS H . -29.60 6.10 -21.15
HN1 TRS H . -28.42 6.65 -23.86
HN2 TRS H . -28.41 8.34 -23.64
HN3 TRS H . -29.55 7.40 -23.04
HO1 TRS H . -26.62 8.11 -23.75
HO2 TRS H . -29.80 9.22 -20.09
HO3 TRS H . -28.67 4.06 -21.77
C1 EDO I . -25.37 1.67 -11.32
O1 EDO I . -24.47 2.76 -11.59
C2 EDO I . -26.24 2.04 -10.07
O2 EDO I . -26.48 3.42 -10.06
H11 EDO I . -24.84 0.85 -11.12
H12 EDO I . -25.93 1.51 -12.07
HO1 EDO I . -24.90 3.55 -11.43
H21 EDO I . -25.74 1.79 -9.23
H22 EDO I . -27.08 1.56 -10.11
HO2 EDO I . -26.04 3.78 -9.40
PG ATP J . 12.05 3.48 17.64
O1G ATP J . 12.25 4.93 18.05
O2G ATP J . 10.93 2.78 18.36
O3G ATP J . 13.32 2.68 17.55
PB ATP J . 11.41 4.98 15.34
O1B ATP J . 12.78 5.60 15.17
O2B ATP J . 10.32 5.76 16.03
O3B ATP J . 11.55 3.56 16.11
PA ATP J . 11.73 3.76 12.79
O1A ATP J . 13.11 3.49 13.33
O2A ATP J . 11.54 4.52 11.49
O3A ATP J . 10.85 4.51 13.91
O5' ATP J . 10.92 2.38 12.72
C5' ATP J . 9.55 2.42 12.30
C4' ATP J . 8.71 1.60 13.27
O4' ATP J . 9.14 0.24 13.27
C3' ATP J . 8.79 2.09 14.72
O3' ATP J . 7.48 2.26 15.25
C2' ATP J . 9.56 1.01 15.46
O2' ATP J . 9.05 0.81 16.79
C1' ATP J . 9.36 -0.22 14.61
N9 ATP J . 10.52 -1.12 14.62
C8 ATP J . 11.73 -0.87 14.09
N7 ATP J . 12.56 -1.93 14.26
C5 ATP J . 11.87 -2.88 14.91
C6 ATP J . 12.15 -4.24 15.40
N6 ATP J . 13.38 -4.78 15.21
N1 ATP J . 11.17 -4.92 16.02
C2 ATP J . 9.94 -4.38 16.20
N3 ATP J . 9.63 -3.14 15.78
C4 ATP J . 10.53 -2.35 15.14
H5'1 ATP J . 9.20 3.44 12.28
H5'2 ATP J . 9.47 2.00 11.30
H4' ATP J . 7.65 1.65 12.95
H3' ATP J . 9.36 3.03 14.75
HO3' ATP J . 7.54 2.57 16.16
H2' ATP J . 10.63 1.28 15.50
HO2' ATP J . 9.14 1.63 17.30
H1' ATP J . 8.47 -0.74 14.96
H8 ATP J . 12.00 0.05 13.60
HN61 ATP J . 13.58 -5.72 15.54
HN62 ATP J . 14.09 -4.25 14.74
H2 ATP J . 9.18 -4.96 16.71
C1 NAG K . 24.82 28.30 5.26
C2 NAG K . 24.57 29.27 6.40
C3 NAG K . 23.71 30.42 5.92
C4 NAG K . 24.52 31.28 4.96
C5 NAG K . 25.38 30.42 4.03
C6 NAG K . 26.85 30.40 4.40
C7 NAG K . 24.48 28.44 8.72
C8 NAG K . 23.66 27.72 9.75
N2 NAG K . 23.91 28.59 7.52
O3 NAG K . 23.29 31.20 7.02
O4 NAG K . 23.65 32.08 4.17
O5 NAG K . 24.95 29.05 3.99
O6 NAG K . 27.65 30.96 3.36
O7 NAG K . 25.60 28.87 8.96
H1 NAG K . 24.07 27.68 5.19
H2 NAG K . 25.42 29.62 6.70
H3 NAG K . 22.93 30.07 5.45
H4 NAG K . 25.11 31.86 5.47
H5 NAG K . 25.31 30.79 3.13
H61 NAG K . 27.12 29.48 4.56
H62 NAG K . 26.99 30.92 5.21
H81 NAG K . 24.16 27.66 10.58
H82 NAG K . 23.46 26.82 9.42
H83 NAG K . 22.82 28.20 9.89
HN2 NAG K . 23.08 28.26 7.39
HO3 NAG K . 22.70 30.74 7.50
HO4 NAG K . 23.22 32.65 4.71
HO6 NAG K . 27.20 31.59 2.93
C1 NAG L . 38.64 20.14 -17.65
C2 NAG L . 37.64 21.30 -17.89
C3 NAG L . 36.33 20.72 -18.40
C4 NAG L . 36.60 19.91 -19.67
C5 NAG L . 37.61 18.80 -19.38
C6 NAG L . 37.91 18.01 -20.65
C7 NAG L . 36.64 23.27 -16.80
C8 NAG L . 36.32 24.14 -15.58
N2 NAG L . 37.36 22.13 -16.69
O3 NAG L . 35.38 21.76 -18.65
O4 NAG L . 35.37 19.37 -20.19
O5 NAG L . 38.82 19.36 -18.83
O6 NAG L . 36.70 17.49 -21.21
O7 NAG L . 36.23 23.60 -17.91
H1 NAG L . 38.26 19.51 -16.84
H2 NAG L . 38.07 21.95 -18.66
H3 NAG L . 35.94 20.03 -17.63
H4 NAG L . 37.03 20.58 -20.43
H5 NAG L . 37.18 18.11 -18.63
H61 NAG L . 38.59 17.19 -20.42
H62 NAG L . 38.39 18.65 -21.39
H81 NAG L . 35.28 24.22 -15.47
H82 NAG L . 36.72 25.11 -15.74
H83 NAG L . 36.72 23.76 -14.67
HN2 NAG L . 37.70 21.84 -15.78
HO3 NAG L . 34.49 21.39 -18.59
HO4 NAG L . 35.04 19.94 -20.90
HO6 NAG L . 36.48 16.66 -20.77
C1 NAG M . 31.44 2.07 42.41
C2 NAG M . 30.34 1.10 42.77
C3 NAG M . 28.99 1.63 42.28
C4 NAG M . 28.75 3.03 42.82
C5 NAG M . 29.94 3.94 42.49
C6 NAG M . 29.82 5.30 43.13
C7 NAG M . 31.08 -1.23 42.98
C8 NAG M . 31.29 -2.53 42.28
N2 NAG M . 30.59 -0.23 42.24
O3 NAG M . 27.96 0.76 42.72
O4 NAG M . 27.57 3.57 42.26
O5 NAG M . 31.17 3.37 42.96
O6 NAG M . 31.10 5.90 43.33
O7 NAG M . 31.35 -1.08 44.18
H1 NAG M . 31.51 2.15 41.43
H2 NAG M . 30.29 1.04 43.74
H3 NAG M . 29.00 1.66 41.31
H4 NAG M . 28.65 2.98 43.80
H5 NAG M . 29.98 4.05 41.52
H61 NAG M . 29.39 5.21 44.01
H62 NAG M . 29.28 5.89 42.56
H81 NAG M . 31.64 -3.19 42.90
H82 NAG M . 31.92 -2.41 41.54
H83 NAG M . 30.44 -2.85 41.93
HN2 NAG M . 30.41 -0.38 41.36
HO3 NAG M . 27.21 0.93 42.26
HO4 NAG M . 26.94 2.94 42.23
HO6 NAG M . 31.44 6.13 42.54
NA NA N . 9.54 5.74 19.90
C1 EDO O . 15.25 4.04 10.11
O1 EDO O . 14.64 4.79 11.17
C2 EDO O . 15.60 2.61 10.64
O2 EDO O . 16.99 2.53 10.84
H11 EDO O . 16.09 4.50 9.82
H12 EDO O . 14.65 3.98 9.37
HO1 EDO O . 14.10 5.44 10.81
H21 EDO O . 15.32 1.92 9.96
H22 EDO O . 15.14 2.45 11.48
HO2 EDO O . 17.26 1.71 10.67
#